data_6QZK
#
_entry.id   6QZK
#
_cell.length_a   181.450
_cell.length_b   181.450
_cell.length_c   142.990
_cell.angle_alpha   90.00
_cell.angle_beta   90.00
_cell.angle_gamma   120.00
#
_symmetry.space_group_name_H-M   'P 63 2 2'
#
loop_
_entity.id
_entity.type
_entity.pdbx_description
1 polymer 'Clostridium butyricum Argonaute'
2 polymer "siDNA guide (5'-D(P*CP*GP*AP*GP*GP*TP*AP*GP*TP*AP*GP*GP*TP*TP*GP*TP*AP*TP*AP*GP*T)-3')"
3 polymer "DNA target (5'-D(T*AP*TP*AP*CP*AP*AP*CP*CP*TP*AP*CP*TP*AP*CP*CP*TP*CP*T)-3')"
4 non-polymer 'MAGNESIUM ION'
5 non-polymer 'FORMIC ACID'
6 water water
#
loop_
_entity_poly.entity_id
_entity_poly.type
_entity_poly.pdbx_seq_one_letter_code
_entity_poly.pdbx_strand_id
1 'polypeptide(L)'
;ANNLTFEAFEGIGQLNELNFYKYRLIGKGQIDNVHQAIWSVKYKLQANNFFKPVFVKGEILYSLDELKVIPEFENVEVIL
DGNIILSISENTDIYKDVIVFYINNALKNIKDITNYRKYITKNTDEIICKSILTTNLKYQYMKSEKGFKLQRKFKISPVV
FRNGKVILYLNCSSDFSTDKSIYEMLNDGLGVVGLQVKNKWTNANGNIFIEKVLDNTISDPGTSGKLGQSLIDYYINGNQ
KYRVEKFTDEDKNAKVIQAKIKNKTYNYIPQALTPVITREYLSHTDKKFSKQIENVIKMDMNYRYQTLKSFVEDIGVIKE
LNNLHFKNQYYTNFDFMGFESGVLEEPVLMGANGKIKDKKQIFINGFFKNPKENVKFGVLYPEGCMENAQSIARSILDFA
TAGKYNKQENKYISKNLMNIGFKPSECIFESYKLGDITEYKATARKLKEHEKVGFVIAVIPDMNELEVENPYNPFKKVWA
KLNIPSQMITLKTTEKFKNIVDKSGLYYLHNIALNILGKIGGIPWIIKDMPGNIDCFIGLAVGTREKGIHFPACSVLFDK
YGKLINYYKPTIPQSGEKIAETILQEIFDNVLISYKEENGEYPKNIVIHRAGFSRENIDWYKEYFDKKGIKFNIIEVKKN
IPVKIAKVVGSNICNPIKGSYVLKNDKAFIVTTDIKDGVASPNPLKIEKTYGDVEMKSILEQIYSLSQIHVGSTKSLRLP
ITTGYADKICKAIEYIPQGVVDNRLFFL
;
A
2 'polydeoxyribonucleotide'
;(DC)(DG)(DA)(DG)(DG)(DT)(DA)(DG)(DT)(DA)(DG)(DG)(DT)(DT)(DG)(DT)(DA)(DT)(DA)(DG)
(DT)
;
B
3 'polydeoxyribonucleotide' (DT)(DA)(DT)(DA)(DC)(DA)(DA)(DC)(DC)(DT)(DA)(DC)(DT)(DA)(DC)(DC)(DT)(DC)(DT) C
#
loop_
_chem_comp.id
_chem_comp.type
_chem_comp.name
_chem_comp.formula
DA DNA linking 2'-DEOXYADENOSINE-5'-MONOPHOSPHATE 'C10 H14 N5 O6 P'
DC DNA linking 2'-DEOXYCYTIDINE-5'-MONOPHOSPHATE 'C9 H14 N3 O7 P'
DG DNA linking 2'-DEOXYGUANOSINE-5'-MONOPHOSPHATE 'C10 H14 N5 O7 P'
DT DNA linking THYMIDINE-5'-MONOPHOSPHATE 'C10 H15 N2 O8 P'
FMT non-polymer 'FORMIC ACID' 'C H2 O2'
MG non-polymer 'MAGNESIUM ION' 'Mg 2'
#
# COMPACT_ATOMS: atom_id res chain seq x y z
N ALA A 1 15.28 -30.36 -1.17
CA ALA A 1 15.39 -28.98 -0.68
C ALA A 1 14.05 -28.25 -0.79
N ASN A 2 13.96 -27.08 -0.17
CA ASN A 2 12.72 -26.32 -0.11
C ASN A 2 12.46 -25.58 -1.42
N ASN A 3 11.18 -25.35 -1.71
CA ASN A 3 10.81 -24.71 -2.97
C ASN A 3 9.42 -24.09 -2.85
N LEU A 4 9.09 -23.25 -3.84
CA LEU A 4 7.80 -22.56 -3.92
C LEU A 4 7.74 -21.83 -5.26
N THR A 5 6.57 -21.30 -5.59
CA THR A 5 6.30 -20.75 -6.92
C THR A 5 5.34 -19.57 -6.86
N PHE A 6 5.04 -19.03 -8.04
CA PHE A 6 4.04 -18.01 -8.26
C PHE A 6 2.70 -18.68 -8.58
N GLU A 7 1.62 -17.91 -8.45
CA GLU A 7 0.31 -18.39 -8.87
C GLU A 7 0.20 -18.17 -10.37
N ALA A 8 0.52 -19.22 -11.13
CA ALA A 8 0.48 -19.19 -12.58
C ALA A 8 0.29 -20.61 -13.10
N PHE A 9 -0.43 -20.72 -14.21
CA PHE A 9 -0.77 -22.02 -14.78
C PHE A 9 -0.13 -22.17 -16.15
N GLU A 10 0.36 -23.38 -16.42
CA GLU A 10 0.95 -23.68 -17.72
C GLU A 10 -0.11 -23.64 -18.81
N GLY A 11 0.30 -23.17 -19.99
CA GLY A 11 -0.53 -23.25 -21.18
C GLY A 11 -0.19 -24.50 -21.95
N ILE A 12 -1.21 -25.28 -22.28
CA ILE A 12 -0.99 -26.62 -22.81
C ILE A 12 -0.70 -26.57 -24.32
N GLY A 13 -1.61 -25.99 -25.08
CA GLY A 13 -1.44 -26.00 -26.53
C GLY A 13 -0.37 -25.02 -26.97
N GLN A 14 0.48 -25.47 -27.89
CA GLN A 14 1.44 -24.57 -28.52
C GLN A 14 0.71 -23.65 -29.51
N LEU A 15 1.11 -22.38 -29.52
CA LEU A 15 0.40 -21.38 -30.29
C LEU A 15 0.65 -21.56 -31.79
N ASN A 16 -0.11 -20.81 -32.58
CA ASN A 16 -0.12 -20.92 -34.03
C ASN A 16 -0.14 -19.52 -34.63
N GLU A 17 0.81 -19.23 -35.52
CA GLU A 17 0.83 -17.93 -36.17
C GLU A 17 -0.42 -17.74 -37.04
N LEU A 18 -0.93 -16.52 -37.07
CA LEU A 18 -2.19 -16.26 -37.76
C LEU A 18 -2.13 -14.89 -38.43
N ASN A 19 -3.18 -14.55 -39.17
CA ASN A 19 -3.15 -13.37 -40.02
C ASN A 19 -3.70 -12.14 -39.30
N PHE A 20 -3.52 -10.98 -39.94
CA PHE A 20 -3.92 -9.71 -39.36
C PHE A 20 -4.07 -8.69 -40.49
N TYR A 21 -5.21 -7.99 -40.51
CA TYR A 21 -5.27 -6.72 -41.21
C TYR A 21 -4.49 -5.70 -40.40
N LYS A 22 -3.41 -5.17 -40.98
CA LYS A 22 -2.48 -4.29 -40.28
C LYS A 22 -2.67 -2.88 -40.81
N TYR A 23 -2.87 -1.92 -39.90
CA TYR A 23 -3.08 -0.52 -40.25
C TYR A 23 -1.93 0.32 -39.73
N ARG A 24 -1.49 1.27 -40.55
CA ARG A 24 -0.48 2.24 -40.15
C ARG A 24 -1.15 3.53 -39.69
N LEU A 25 -0.47 4.23 -38.78
CA LEU A 25 -0.92 5.52 -38.28
C LEU A 25 0.00 6.60 -38.83
N ILE A 26 -0.58 7.54 -39.57
CA ILE A 26 0.13 8.70 -40.08
C ILE A 26 -0.58 9.94 -39.55
N GLY A 27 0.16 10.78 -38.83
CA GLY A 27 -0.41 11.99 -38.29
C GLY A 27 -0.53 13.09 -39.33
N LYS A 28 -1.54 13.94 -39.13
CA LYS A 28 -1.76 15.10 -39.99
C LYS A 28 -2.16 16.28 -39.11
N GLY A 29 -1.24 17.22 -38.92
CA GLY A 29 -1.51 18.36 -38.04
C GLY A 29 -0.72 18.31 -36.75
N GLN A 30 -1.23 18.92 -35.68
CA GLN A 30 -0.58 18.86 -34.38
C GLN A 30 -1.40 17.99 -33.44
N ILE A 31 -0.72 17.12 -32.70
CA ILE A 31 -1.33 16.24 -31.71
C ILE A 31 -0.69 16.54 -30.37
N ASP A 32 -1.52 16.79 -29.36
CA ASP A 32 -0.99 17.12 -28.03
C ASP A 32 -0.21 15.95 -27.44
N ASN A 33 -0.78 14.75 -27.49
CA ASN A 33 -0.14 13.58 -26.91
C ASN A 33 -0.19 12.42 -27.89
N VAL A 34 0.99 11.89 -28.23
CA VAL A 34 1.07 10.80 -29.20
C VAL A 34 0.25 9.61 -28.74
N HIS A 35 0.42 9.21 -27.47
CA HIS A 35 -0.17 7.96 -26.99
C HIS A 35 -1.68 8.11 -26.76
N GLN A 36 -2.10 9.26 -26.19
CA GLN A 36 -3.53 9.50 -26.07
C GLN A 36 -4.17 9.49 -27.44
N ALA A 37 -3.49 10.05 -28.44
CA ALA A 37 -4.01 10.04 -29.80
C ALA A 37 -4.14 8.62 -30.33
N ILE A 38 -3.08 7.80 -30.18
CA ILE A 38 -3.10 6.44 -30.71
C ILE A 38 -4.21 5.63 -30.05
N TRP A 39 -4.33 5.72 -28.72
CA TRP A 39 -5.32 4.89 -28.04
C TRP A 39 -6.73 5.41 -28.28
N SER A 40 -6.93 6.73 -28.40
CA SER A 40 -8.23 7.25 -28.77
C SER A 40 -8.63 6.76 -30.16
N VAL A 41 -7.68 6.79 -31.09
CA VAL A 41 -7.92 6.25 -32.43
C VAL A 41 -8.36 4.80 -32.33
N LYS A 42 -7.61 3.99 -31.58
CA LYS A 42 -7.95 2.58 -31.46
C LYS A 42 -9.35 2.39 -30.91
N TYR A 43 -9.69 3.09 -29.82
CA TYR A 43 -10.96 2.85 -29.16
C TYR A 43 -12.13 3.30 -30.02
N LYS A 44 -12.08 4.53 -30.55
CA LYS A 44 -13.13 5.00 -31.45
C LYS A 44 -13.25 4.09 -32.68
N LEU A 45 -12.10 3.70 -33.24
CA LEU A 45 -12.08 2.89 -34.45
C LEU A 45 -12.75 1.55 -34.22
N GLN A 46 -12.39 0.85 -33.15
CA GLN A 46 -13.02 -0.43 -32.86
C GLN A 46 -14.47 -0.25 -32.43
N ALA A 47 -14.82 0.90 -31.86
CA ALA A 47 -16.21 1.14 -31.47
C ALA A 47 -17.11 1.31 -32.68
N ASN A 48 -16.58 1.87 -33.78
CA ASN A 48 -17.40 1.98 -34.98
C ASN A 48 -17.68 0.64 -35.61
N ASN A 49 -16.77 -0.32 -35.49
CA ASN A 49 -16.89 -1.61 -36.16
C ASN A 49 -17.40 -2.70 -35.20
N PHE A 50 -18.62 -2.51 -34.69
CA PHE A 50 -19.31 -3.51 -33.87
C PHE A 50 -18.44 -4.02 -32.71
N PHE A 51 -17.64 -3.11 -32.13
CA PHE A 51 -16.76 -3.44 -30.99
C PHE A 51 -15.82 -4.60 -31.30
N LYS A 52 -15.25 -4.60 -32.51
CA LYS A 52 -14.26 -5.59 -32.89
C LYS A 52 -12.94 -5.29 -32.19
N PRO A 53 -11.99 -6.23 -32.17
CA PRO A 53 -10.75 -6.02 -31.43
C PRO A 53 -9.64 -5.39 -32.27
N VAL A 54 -8.88 -4.52 -31.61
CA VAL A 54 -7.69 -3.89 -32.18
C VAL A 54 -6.57 -3.94 -31.14
N PHE A 55 -5.35 -4.21 -31.60
CA PHE A 55 -4.19 -4.36 -30.73
C PHE A 55 -3.04 -3.49 -31.25
N VAL A 56 -2.43 -2.71 -30.35
CA VAL A 56 -1.46 -1.69 -30.72
C VAL A 56 -0.06 -2.20 -30.46
N LYS A 57 0.82 -2.08 -31.46
CA LYS A 57 2.25 -2.26 -31.24
C LYS A 57 2.95 -1.02 -31.77
N GLY A 58 3.57 -0.27 -30.85
CA GLY A 58 4.20 0.98 -31.23
C GLY A 58 3.19 1.92 -31.84
N GLU A 59 3.39 2.26 -33.11
CA GLU A 59 2.51 3.15 -33.84
C GLU A 59 1.69 2.42 -34.89
N ILE A 60 1.73 1.08 -34.90
CA ILE A 60 1.01 0.27 -35.87
C ILE A 60 -0.12 -0.46 -35.17
N LEU A 61 -1.32 -0.36 -35.72
CA LEU A 61 -2.45 -1.12 -35.22
C LEU A 61 -2.56 -2.44 -35.98
N TYR A 62 -3.02 -3.47 -35.28
CA TYR A 62 -3.22 -4.78 -35.87
C TYR A 62 -4.59 -5.30 -35.46
N SER A 63 -5.30 -5.91 -36.40
CA SER A 63 -6.60 -6.50 -36.14
C SER A 63 -6.68 -7.83 -36.84
N LEU A 64 -7.60 -8.69 -36.39
CA LEU A 64 -7.79 -9.97 -37.06
C LEU A 64 -9.00 -9.98 -37.99
N ASP A 65 -10.00 -9.15 -37.72
CA ASP A 65 -11.11 -8.96 -38.63
C ASP A 65 -10.99 -7.60 -39.31
N GLU A 66 -11.66 -7.47 -40.46
CA GLU A 66 -11.52 -6.28 -41.27
C GLU A 66 -12.34 -5.13 -40.70
N LEU A 67 -11.75 -3.94 -40.66
CA LEU A 67 -12.44 -2.76 -40.15
C LEU A 67 -12.93 -1.96 -41.35
N LYS A 68 -14.11 -2.34 -41.85
CA LYS A 68 -14.65 -1.69 -43.05
C LYS A 68 -15.01 -0.24 -42.77
N VAL A 69 -15.58 0.04 -41.60
CA VAL A 69 -15.95 1.40 -41.21
C VAL A 69 -14.73 2.06 -40.56
N ILE A 70 -14.15 3.03 -41.25
CA ILE A 70 -13.02 3.80 -40.73
C ILE A 70 -13.47 5.24 -40.56
N PRO A 71 -13.47 5.79 -39.35
CA PRO A 71 -13.88 7.18 -39.16
C PRO A 71 -12.74 8.13 -39.52
N GLU A 72 -13.10 9.41 -39.64
CA GLU A 72 -12.15 10.47 -39.97
C GLU A 72 -11.70 11.16 -38.69
N PHE A 73 -10.39 11.27 -38.52
CA PHE A 73 -9.80 12.11 -37.48
C PHE A 73 -9.04 13.25 -38.14
N GLU A 74 -9.28 14.48 -37.67
CA GLU A 74 -8.63 15.62 -38.28
C GLU A 74 -7.15 15.68 -37.92
N ASN A 75 -6.78 15.17 -36.74
CA ASN A 75 -5.40 15.24 -36.27
C ASN A 75 -4.55 14.05 -36.68
N VAL A 76 -5.15 12.98 -37.18
CA VAL A 76 -4.38 11.81 -37.60
C VAL A 76 -5.18 11.05 -38.66
N GLU A 77 -4.47 10.50 -39.63
CA GLU A 77 -5.06 9.73 -40.70
C GLU A 77 -4.65 8.27 -40.56
N VAL A 78 -5.56 7.37 -40.90
CA VAL A 78 -5.30 5.93 -40.87
C VAL A 78 -5.13 5.43 -42.30
N ILE A 79 -4.01 4.78 -42.58
CA ILE A 79 -3.73 4.26 -43.91
C ILE A 79 -3.71 2.74 -43.82
N LEU A 80 -4.16 2.09 -44.90
CA LEU A 80 -4.51 0.67 -44.84
C LEU A 80 -3.28 -0.23 -44.73
N ASP A 81 -2.39 -0.16 -45.71
CA ASP A 81 -1.14 -0.93 -45.71
C ASP A 81 -1.38 -2.44 -45.56
N GLY A 82 -2.30 -2.97 -46.36
CA GLY A 82 -2.29 -4.39 -46.64
C GLY A 82 -2.74 -5.32 -45.52
N ASN A 83 -2.19 -6.54 -45.56
CA ASN A 83 -2.66 -7.67 -44.76
C ASN A 83 -1.52 -8.67 -44.64
N ILE A 84 -1.15 -9.01 -43.40
CA ILE A 84 0.07 -9.77 -43.12
C ILE A 84 -0.16 -10.70 -41.94
N ILE A 85 0.54 -11.83 -41.91
CA ILE A 85 0.55 -12.72 -40.76
C ILE A 85 1.81 -12.44 -39.95
N LEU A 86 1.66 -12.36 -38.63
CA LEU A 86 2.73 -11.97 -37.73
C LEU A 86 3.42 -13.19 -37.13
N SER A 87 4.74 -13.22 -37.21
CA SER A 87 5.50 -14.30 -36.59
C SER A 87 5.43 -14.17 -35.08
N ILE A 88 5.16 -15.30 -34.41
CA ILE A 88 5.11 -15.31 -32.95
C ILE A 88 6.47 -14.94 -32.36
N SER A 89 7.55 -15.36 -33.02
CA SER A 89 8.89 -15.24 -32.44
C SER A 89 9.24 -13.81 -32.05
N GLU A 90 8.70 -12.82 -32.77
CA GLU A 90 9.07 -11.43 -32.56
C GLU A 90 7.94 -10.55 -32.04
N ASN A 91 6.73 -11.08 -31.93
CA ASN A 91 5.56 -10.30 -31.56
C ASN A 91 4.85 -10.88 -30.35
N THR A 92 5.62 -11.27 -29.33
CA THR A 92 5.05 -11.73 -28.07
C THR A 92 4.05 -10.72 -27.51
N ASP A 93 4.43 -9.44 -27.54
CA ASP A 93 3.61 -8.39 -26.93
C ASP A 93 2.21 -8.35 -27.50
N ILE A 94 2.06 -8.57 -28.81
CA ILE A 94 0.75 -8.52 -29.43
C ILE A 94 -0.06 -9.77 -29.11
N TYR A 95 0.58 -10.93 -29.22
CA TYR A 95 -0.13 -12.18 -28.98
C TYR A 95 -0.61 -12.30 -27.54
N LYS A 96 0.08 -11.63 -26.60
CA LYS A 96 -0.43 -11.59 -25.23
C LYS A 96 -1.79 -10.91 -25.18
N ASP A 97 -1.91 -9.73 -25.82
CA ASP A 97 -3.20 -9.04 -25.88
C ASP A 97 -4.25 -9.90 -26.57
N VAL A 98 -3.86 -10.59 -27.64
CA VAL A 98 -4.79 -11.47 -28.34
C VAL A 98 -5.30 -12.55 -27.39
N ILE A 99 -4.41 -13.12 -26.58
CA ILE A 99 -4.81 -14.16 -25.63
C ILE A 99 -5.77 -13.60 -24.59
N VAL A 100 -5.52 -12.38 -24.11
CA VAL A 100 -6.45 -11.78 -23.16
C VAL A 100 -7.82 -11.61 -23.78
N PHE A 101 -7.86 -11.16 -25.04
CA PHE A 101 -9.15 -11.03 -25.71
C PHE A 101 -9.89 -12.36 -25.80
N TYR A 102 -9.17 -13.41 -26.19
CA TYR A 102 -9.85 -14.70 -26.33
C TYR A 102 -10.24 -15.31 -25.00
N ILE A 103 -9.55 -14.95 -23.92
CA ILE A 103 -10.00 -15.35 -22.59
C ILE A 103 -11.31 -14.66 -22.23
N ASN A 104 -11.37 -13.34 -22.44
CA ASN A 104 -12.63 -12.63 -22.25
C ASN A 104 -13.73 -13.24 -23.09
N ASN A 105 -13.39 -13.66 -24.31
CA ASN A 105 -14.36 -14.26 -25.22
C ASN A 105 -14.89 -15.58 -24.67
N ALA A 106 -13.98 -16.46 -24.24
CA ALA A 106 -14.38 -17.74 -23.68
C ALA A 106 -15.22 -17.57 -22.42
N LEU A 107 -14.93 -16.55 -21.61
CA LEU A 107 -15.68 -16.38 -20.37
C LEU A 107 -17.00 -15.63 -20.55
N LYS A 108 -17.16 -14.90 -21.66
CA LYS A 108 -18.32 -14.02 -21.81
C LYS A 108 -19.63 -14.78 -21.72
N ASN A 109 -19.73 -15.91 -22.41
CA ASN A 109 -21.00 -16.61 -22.59
C ASN A 109 -21.45 -17.41 -21.39
N ILE A 110 -20.64 -17.51 -20.33
CA ILE A 110 -20.97 -18.38 -19.21
C ILE A 110 -22.14 -17.78 -18.43
N LYS A 111 -23.18 -18.59 -18.22
CA LYS A 111 -24.35 -18.23 -17.44
C LYS A 111 -24.47 -19.19 -16.27
N ASP A 112 -24.73 -18.67 -15.08
CA ASP A 112 -24.91 -19.49 -13.90
C ASP A 112 -26.41 -19.67 -13.63
N ILE A 113 -26.75 -20.15 -12.43
CA ILE A 113 -28.14 -20.45 -12.09
C ILE A 113 -29.04 -19.24 -12.37
N THR A 114 -28.68 -18.08 -11.82
CA THR A 114 -29.43 -16.88 -12.12
C THR A 114 -29.31 -16.56 -13.60
N ASN A 115 -30.44 -16.17 -14.21
CA ASN A 115 -30.60 -16.19 -15.67
C ASN A 115 -29.66 -15.27 -16.45
N TYR A 116 -28.83 -14.50 -15.77
CA TYR A 116 -27.95 -13.55 -16.42
C TYR A 116 -26.50 -13.94 -16.20
N ARG A 117 -25.62 -13.43 -17.08
CA ARG A 117 -24.27 -13.95 -17.21
C ARG A 117 -23.53 -13.87 -15.88
N LYS A 118 -22.51 -14.74 -15.74
CA LYS A 118 -21.78 -14.85 -14.49
C LYS A 118 -20.68 -13.80 -14.38
N TYR A 119 -19.90 -13.61 -15.43
CA TYR A 119 -18.75 -12.70 -15.39
C TYR A 119 -19.07 -11.38 -16.09
N ILE A 120 -18.59 -10.29 -15.51
CA ILE A 120 -18.60 -8.98 -16.15
C ILE A 120 -17.33 -8.88 -16.98
N THR A 121 -17.48 -8.86 -18.30
CA THR A 121 -16.33 -8.85 -19.19
C THR A 121 -16.31 -7.55 -20.00
N LYS A 122 -15.20 -6.82 -19.89
CA LYS A 122 -14.98 -5.59 -20.65
C LYS A 122 -13.85 -5.75 -21.67
N ASN A 123 -13.34 -6.97 -21.85
CA ASN A 123 -12.24 -7.25 -22.78
C ASN A 123 -10.96 -6.53 -22.38
N THR A 124 -10.71 -6.44 -21.07
CA THR A 124 -9.52 -5.82 -20.51
C THR A 124 -8.72 -6.87 -19.73
N ASP A 125 -7.65 -6.41 -19.08
CA ASP A 125 -6.94 -7.26 -18.13
C ASP A 125 -7.87 -7.77 -17.04
N GLU A 126 -8.77 -6.90 -16.59
CA GLU A 126 -9.57 -7.14 -15.40
C GLU A 126 -10.91 -7.78 -15.77
N ILE A 127 -11.26 -8.86 -15.08
CA ILE A 127 -12.52 -9.57 -15.29
C ILE A 127 -13.17 -9.78 -13.92
N ILE A 128 -14.35 -9.20 -13.73
CA ILE A 128 -15.07 -9.32 -12.47
C ILE A 128 -16.00 -10.52 -12.53
N CYS A 129 -15.95 -11.35 -11.51
CA CYS A 129 -16.91 -12.43 -11.33
C CYS A 129 -18.02 -11.97 -10.40
N LYS A 130 -19.28 -12.21 -10.78
CA LYS A 130 -20.39 -11.69 -9.99
C LYS A 130 -20.54 -12.44 -8.67
N SER A 131 -20.14 -13.71 -8.63
CA SER A 131 -20.30 -14.54 -7.44
C SER A 131 -18.94 -14.88 -6.86
N ILE A 132 -18.77 -14.62 -5.57
CA ILE A 132 -17.53 -14.98 -4.91
C ILE A 132 -17.57 -16.44 -4.50
N LEU A 133 -16.40 -17.07 -4.49
CA LEU A 133 -16.28 -18.50 -4.20
C LEU A 133 -15.99 -18.69 -2.71
N THR A 134 -16.87 -19.42 -2.04
CA THR A 134 -16.76 -19.57 -0.59
C THR A 134 -15.65 -20.54 -0.22
N THR A 135 -15.52 -20.81 1.08
CA THR A 135 -14.47 -21.68 1.57
C THR A 135 -14.69 -23.13 1.13
N ASN A 136 -15.95 -23.56 1.07
CA ASN A 136 -16.29 -24.91 0.63
C ASN A 136 -16.76 -24.94 -0.82
N LEU A 137 -16.42 -23.92 -1.61
CA LEU A 137 -16.77 -23.84 -3.03
C LEU A 137 -18.28 -23.86 -3.25
N LYS A 138 -18.99 -23.01 -2.50
CA LYS A 138 -20.44 -22.95 -2.62
C LYS A 138 -20.91 -22.01 -3.71
N TYR A 139 -20.06 -21.09 -4.18
CA TYR A 139 -20.36 -20.25 -5.35
C TYR A 139 -21.62 -19.42 -5.13
N GLN A 140 -21.67 -18.71 -4.01
CA GLN A 140 -22.87 -17.98 -3.62
C GLN A 140 -22.70 -16.49 -3.85
N TYR A 141 -23.70 -15.87 -4.47
CA TYR A 141 -23.75 -14.41 -4.54
C TYR A 141 -23.76 -13.84 -3.12
N MET A 142 -23.09 -12.71 -2.92
CA MET A 142 -23.05 -12.06 -1.62
C MET A 142 -23.37 -10.58 -1.81
N LYS A 143 -24.52 -10.15 -1.31
CA LYS A 143 -25.04 -8.82 -1.55
C LYS A 143 -26.00 -8.47 -0.43
N SER A 144 -25.69 -7.41 0.31
CA SER A 144 -26.54 -7.03 1.43
C SER A 144 -27.85 -6.41 0.93
N GLU A 145 -28.75 -6.14 1.86
CA GLU A 145 -30.05 -5.60 1.51
C GLU A 145 -29.93 -4.30 0.71
N LYS A 146 -29.05 -3.41 1.15
CA LYS A 146 -28.84 -2.14 0.47
C LYS A 146 -27.61 -2.27 -0.42
N GLY A 147 -27.83 -2.58 -1.70
CA GLY A 147 -26.74 -2.77 -2.65
C GLY A 147 -25.61 -3.63 -2.15
N PHE A 148 -24.40 -3.07 -2.14
CA PHE A 148 -23.24 -3.69 -1.51
C PHE A 148 -22.92 -5.06 -2.11
N LYS A 149 -23.06 -5.16 -3.42
CA LYS A 149 -22.50 -6.31 -4.14
C LYS A 149 -21.01 -6.43 -3.86
N LEU A 150 -20.60 -7.62 -3.39
CA LEU A 150 -19.20 -7.97 -3.27
C LEU A 150 -18.87 -8.98 -4.36
N GLN A 151 -17.73 -8.78 -5.03
CA GLN A 151 -17.39 -9.60 -6.18
C GLN A 151 -15.89 -9.88 -6.22
N ARG A 152 -15.53 -11.08 -6.65
CA ARG A 152 -14.14 -11.38 -6.94
C ARG A 152 -13.74 -10.76 -8.27
N LYS A 153 -12.46 -10.47 -8.42
CA LYS A 153 -11.94 -9.63 -9.50
C LYS A 153 -10.60 -10.21 -9.91
N PHE A 154 -10.53 -10.74 -11.12
CA PHE A 154 -9.37 -11.49 -11.61
C PHE A 154 -8.59 -10.63 -12.58
N LYS A 155 -7.32 -10.39 -12.25
CA LYS A 155 -6.38 -9.73 -13.14
C LYS A 155 -5.58 -10.79 -13.89
N ILE A 156 -5.66 -10.74 -15.21
CA ILE A 156 -5.01 -11.69 -16.10
C ILE A 156 -3.67 -11.10 -16.55
N SER A 157 -2.63 -11.93 -16.57
CA SER A 157 -1.34 -11.52 -17.12
C SER A 157 -0.75 -12.73 -17.82
N PRO A 158 -1.11 -12.95 -19.09
CA PRO A 158 -0.50 -14.05 -19.83
C PRO A 158 0.80 -13.63 -20.49
N VAL A 159 1.73 -14.58 -20.54
CA VAL A 159 3.06 -14.36 -21.09
C VAL A 159 3.29 -15.36 -22.21
N VAL A 160 3.63 -14.86 -23.39
CA VAL A 160 3.87 -15.67 -24.57
C VAL A 160 5.37 -15.68 -24.82
N PHE A 161 5.92 -16.87 -25.03
CA PHE A 161 7.35 -17.04 -25.25
C PHE A 161 7.69 -16.82 -26.73
N ARG A 162 8.99 -16.85 -27.02
CA ARG A 162 9.42 -16.78 -28.42
C ARG A 162 8.97 -18.01 -29.18
N ASN A 163 9.08 -19.19 -28.56
CA ASN A 163 8.42 -20.37 -29.07
C ASN A 163 6.92 -20.26 -28.82
N GLY A 164 6.19 -21.30 -29.23
CA GLY A 164 4.74 -21.23 -29.16
C GLY A 164 4.20 -21.22 -27.74
N LYS A 165 4.87 -21.92 -26.82
CA LYS A 165 4.31 -22.21 -25.51
C LYS A 165 3.97 -20.92 -24.75
N VAL A 166 2.90 -20.99 -23.96
CA VAL A 166 2.35 -19.86 -23.21
C VAL A 166 2.28 -20.23 -21.74
N ILE A 167 2.38 -19.22 -20.87
CA ILE A 167 2.11 -19.37 -19.45
C ILE A 167 1.11 -18.29 -19.07
N LEU A 168 0.22 -18.59 -18.13
CA LEU A 168 -0.81 -17.64 -17.72
C LEU A 168 -0.59 -17.30 -16.26
N TYR A 169 0.01 -16.14 -15.97
CA TYR A 169 0.07 -15.63 -14.62
C TYR A 169 -1.28 -15.03 -14.25
N LEU A 170 -1.72 -15.26 -13.02
CA LEU A 170 -3.06 -14.94 -12.59
C LEU A 170 -3.03 -14.24 -11.25
N ASN A 171 -4.03 -13.38 -11.01
CA ASN A 171 -4.14 -12.68 -9.74
C ASN A 171 -5.61 -12.41 -9.49
N CYS A 172 -5.98 -12.18 -8.23
CA CYS A 172 -7.37 -11.87 -7.94
C CYS A 172 -7.46 -11.13 -6.61
N SER A 173 -8.59 -10.46 -6.43
CA SER A 173 -8.81 -9.57 -5.29
C SER A 173 -10.30 -9.23 -5.25
N SER A 174 -10.74 -8.63 -4.15
CA SER A 174 -12.16 -8.35 -3.96
C SER A 174 -12.53 -6.96 -4.49
N ASP A 175 -13.85 -6.72 -4.60
CA ASP A 175 -14.34 -5.42 -5.05
C ASP A 175 -15.76 -5.21 -4.51
N PHE A 176 -16.00 -4.01 -3.97
CA PHE A 176 -17.31 -3.63 -3.46
C PHE A 176 -17.96 -2.64 -4.42
N SER A 177 -19.28 -2.75 -4.58
CA SER A 177 -20.00 -1.85 -5.48
C SER A 177 -21.48 -1.89 -5.16
N THR A 178 -22.23 -0.92 -5.70
CA THR A 178 -23.67 -0.83 -5.46
C THR A 178 -24.41 -0.65 -6.79
N ASP A 179 -25.61 -1.20 -6.84
CA ASP A 179 -26.52 -0.96 -7.96
C ASP A 179 -27.37 0.29 -7.76
N LYS A 180 -27.63 0.66 -6.50
CA LYS A 180 -28.54 1.77 -6.18
C LYS A 180 -27.92 3.10 -6.58
N SER A 181 -28.46 3.71 -7.63
CA SER A 181 -28.09 5.07 -7.99
C SER A 181 -28.65 6.05 -6.97
N ILE A 182 -28.02 7.22 -6.89
CA ILE A 182 -28.43 8.22 -5.90
C ILE A 182 -29.87 8.64 -6.11
N TYR A 183 -30.36 8.58 -7.35
CA TYR A 183 -31.76 8.85 -7.61
C TYR A 183 -32.66 7.90 -6.82
N GLU A 184 -32.28 6.62 -6.74
CA GLU A 184 -33.04 5.68 -5.91
C GLU A 184 -33.04 6.10 -4.45
N MET A 185 -31.90 6.58 -3.94
CA MET A 185 -31.84 7.04 -2.56
C MET A 185 -32.70 8.26 -2.34
N LEU A 186 -32.81 9.13 -3.34
CA LEU A 186 -33.67 10.30 -3.24
C LEU A 186 -35.13 9.91 -3.22
N ASN A 187 -35.50 8.86 -3.97
CA ASN A 187 -36.86 8.35 -3.89
C ASN A 187 -37.12 7.70 -2.52
N ASP A 188 -36.22 6.83 -2.08
CA ASP A 188 -36.37 6.15 -0.79
C ASP A 188 -36.21 7.11 0.39
N GLY A 189 -35.64 8.30 0.17
CA GLY A 189 -35.60 9.32 1.19
C GLY A 189 -34.35 9.36 2.03
N LEU A 190 -33.37 8.51 1.76
CA LEU A 190 -32.14 8.52 2.54
C LEU A 190 -31.35 9.80 2.24
N GLY A 191 -30.90 10.48 3.30
CA GLY A 191 -30.09 11.67 3.10
C GLY A 191 -28.82 11.36 2.33
N VAL A 192 -28.44 12.29 1.47
CA VAL A 192 -27.33 12.07 0.55
C VAL A 192 -26.37 13.25 0.58
N VAL A 193 -26.46 14.07 1.62
CA VAL A 193 -25.84 15.40 1.62
C VAL A 193 -24.31 15.31 1.58
N GLY A 194 -23.71 14.31 2.21
CA GLY A 194 -22.26 14.31 2.32
C GLY A 194 -21.54 13.09 1.80
N LEU A 195 -22.28 12.10 1.31
CA LEU A 195 -21.70 10.83 0.94
C LEU A 195 -20.78 10.97 -0.26
N GLN A 196 -19.65 10.27 -0.22
CA GLN A 196 -18.76 10.21 -1.37
C GLN A 196 -19.45 9.47 -2.52
N VAL A 197 -19.24 9.96 -3.74
CA VAL A 197 -19.92 9.43 -4.90
C VAL A 197 -18.91 9.14 -6.01
N LYS A 198 -19.30 8.21 -6.87
CA LYS A 198 -18.51 7.80 -8.04
C LYS A 198 -19.41 7.94 -9.25
N ASN A 199 -18.91 8.63 -10.29
CA ASN A 199 -19.70 8.86 -11.49
C ASN A 199 -19.55 7.65 -12.41
N LYS A 200 -20.65 6.90 -12.57
CA LYS A 200 -20.60 5.66 -13.34
C LYS A 200 -20.45 5.92 -14.83
N TRP A 201 -21.24 6.86 -15.37
CA TRP A 201 -21.32 7.04 -16.82
C TRP A 201 -19.98 7.48 -17.41
N THR A 202 -19.29 8.39 -16.75
CA THR A 202 -18.07 8.95 -17.30
C THR A 202 -16.80 8.29 -16.75
N ASN A 203 -16.89 7.62 -15.61
CA ASN A 203 -15.71 7.16 -14.87
C ASN A 203 -14.71 8.30 -14.67
N ALA A 204 -15.23 9.52 -14.53
CA ALA A 204 -14.41 10.72 -14.52
C ALA A 204 -13.38 10.70 -13.40
N ASN A 205 -13.84 10.74 -12.16
CA ASN A 205 -12.95 10.83 -11.01
C ASN A 205 -13.62 10.20 -9.79
N GLY A 206 -12.91 10.24 -8.67
CA GLY A 206 -13.45 9.95 -7.36
C GLY A 206 -13.31 11.19 -6.51
N ASN A 207 -13.41 11.05 -5.19
CA ASN A 207 -13.47 12.19 -4.28
C ASN A 207 -14.58 13.15 -4.67
N ILE A 208 -15.65 12.61 -5.25
CA ILE A 208 -16.81 13.41 -5.63
C ILE A 208 -17.72 13.45 -4.40
N PHE A 209 -17.38 14.35 -3.48
CA PHE A 209 -18.17 14.54 -2.28
C PHE A 209 -19.36 15.44 -2.61
N ILE A 210 -20.57 14.99 -2.26
CA ILE A 210 -21.74 15.80 -2.49
C ILE A 210 -21.70 17.04 -1.60
N GLU A 211 -21.99 18.20 -2.19
CA GLU A 211 -22.03 19.45 -1.46
C GLU A 211 -23.43 19.84 -1.02
N LYS A 212 -24.42 19.70 -1.90
CA LYS A 212 -25.79 20.10 -1.60
C LYS A 212 -26.70 19.54 -2.67
N VAL A 213 -27.99 19.48 -2.35
CA VAL A 213 -29.02 19.11 -3.31
C VAL A 213 -29.46 20.36 -4.07
N LEU A 214 -30.00 20.16 -5.27
CA LEU A 214 -30.46 21.25 -6.09
C LEU A 214 -31.99 21.20 -6.21
N ASP A 215 -32.62 22.38 -6.15
CA ASP A 215 -34.06 22.47 -6.37
C ASP A 215 -34.42 22.33 -7.84
N ASN A 216 -33.62 22.93 -8.72
CA ASN A 216 -33.84 22.84 -10.15
C ASN A 216 -33.88 21.39 -10.60
N THR A 217 -34.86 21.05 -11.44
CA THR A 217 -34.87 19.74 -12.06
C THR A 217 -33.77 19.64 -13.12
N ILE A 218 -33.41 18.42 -13.48
CA ILE A 218 -32.45 18.24 -14.56
C ILE A 218 -33.04 18.60 -15.92
N SER A 219 -34.36 18.85 -15.97
CA SER A 219 -34.99 19.26 -17.22
C SER A 219 -34.67 20.71 -17.57
N ASP A 220 -34.44 21.56 -16.55
CA ASP A 220 -34.21 22.99 -16.74
C ASP A 220 -32.97 23.23 -17.59
N PRO A 221 -32.93 24.36 -18.33
CA PRO A 221 -31.76 24.65 -19.16
C PRO A 221 -30.64 25.29 -18.36
N GLY A 222 -29.43 25.19 -18.92
CA GLY A 222 -28.25 25.74 -18.29
C GLY A 222 -27.89 25.01 -17.00
N THR A 223 -28.57 23.89 -16.74
CA THR A 223 -28.24 23.10 -15.55
C THR A 223 -26.90 22.42 -15.71
N SER A 224 -26.60 21.92 -16.92
CA SER A 224 -25.25 21.50 -17.22
C SER A 224 -24.30 22.70 -17.17
N GLY A 225 -23.04 22.44 -16.85
CA GLY A 225 -22.07 23.52 -16.76
C GLY A 225 -21.87 24.22 -18.09
N LYS A 226 -21.73 23.45 -19.16
CA LYS A 226 -21.53 24.01 -20.49
C LYS A 226 -22.67 24.95 -20.87
N LEU A 227 -22.29 26.09 -21.47
CA LEU A 227 -23.22 27.20 -21.73
C LEU A 227 -24.48 26.73 -22.42
N GLY A 228 -25.62 27.30 -22.00
CA GLY A 228 -26.91 27.11 -22.63
C GLY A 228 -27.27 25.68 -22.98
N GLN A 229 -26.76 24.72 -22.21
CA GLN A 229 -27.06 23.31 -22.41
C GLN A 229 -27.68 22.77 -21.13
N SER A 230 -28.83 22.13 -21.25
CA SER A 230 -29.45 21.46 -20.11
C SER A 230 -28.69 20.18 -19.79
N LEU A 231 -28.77 19.77 -18.52
CA LEU A 231 -28.08 18.56 -18.10
C LEU A 231 -28.58 17.35 -18.87
N ILE A 232 -29.88 17.28 -19.14
CA ILE A 232 -30.41 16.18 -19.94
C ILE A 232 -29.96 16.30 -21.39
N ASP A 233 -29.93 17.53 -21.92
CA ASP A 233 -29.51 17.74 -23.30
C ASP A 233 -28.02 17.51 -23.48
N TYR A 234 -27.25 17.72 -22.41
CA TYR A 234 -25.80 17.53 -22.43
C TYR A 234 -25.44 16.14 -22.94
N TYR A 235 -25.94 15.10 -22.29
CA TYR A 235 -25.65 13.73 -22.74
C TYR A 235 -26.26 13.44 -24.10
N ILE A 236 -27.42 14.04 -24.41
CA ILE A 236 -28.04 13.82 -25.72
C ILE A 236 -27.09 14.25 -26.82
N ASN A 237 -26.52 15.45 -26.71
CA ASN A 237 -25.67 15.98 -27.78
C ASN A 237 -24.33 15.26 -27.85
N GLY A 238 -23.82 14.80 -26.72
CA GLY A 238 -22.62 13.98 -26.75
C GLY A 238 -22.87 12.65 -27.44
N ASN A 239 -21.78 12.02 -27.90
CA ASN A 239 -21.89 10.74 -28.58
C ASN A 239 -22.54 9.69 -27.69
N GLN A 240 -22.52 9.89 -26.38
CA GLN A 240 -23.16 8.97 -25.44
C GLN A 240 -24.54 9.49 -25.08
N LYS A 241 -25.41 9.53 -26.10
CA LYS A 241 -26.81 9.84 -25.85
C LYS A 241 -27.57 8.64 -25.30
N TYR A 242 -26.96 7.46 -25.30
CA TYR A 242 -27.64 6.26 -24.81
C TYR A 242 -27.71 6.20 -23.29
N ARG A 243 -27.15 7.18 -22.57
CA ARG A 243 -27.35 7.23 -21.13
C ARG A 243 -28.72 7.78 -20.77
N VAL A 244 -29.27 8.67 -21.60
CA VAL A 244 -30.57 9.27 -21.31
C VAL A 244 -31.48 9.18 -22.54
N GLU A 245 -31.19 8.26 -23.46
CA GLU A 245 -31.88 8.23 -24.74
C GLU A 245 -33.39 8.13 -24.55
N LYS A 246 -33.84 7.20 -23.72
CA LYS A 246 -35.24 7.10 -23.34
C LYS A 246 -35.32 7.24 -21.83
N PHE A 247 -35.89 8.33 -21.37
CA PHE A 247 -35.98 8.64 -19.95
C PHE A 247 -37.45 8.78 -19.55
N THR A 248 -37.73 8.52 -18.28
CA THR A 248 -39.08 8.73 -17.78
C THR A 248 -39.32 10.23 -17.63
N ASP A 249 -40.57 10.64 -17.83
CA ASP A 249 -40.94 12.02 -17.58
C ASP A 249 -40.61 12.44 -16.16
N GLU A 250 -40.67 11.50 -15.21
CA GLU A 250 -40.26 11.78 -13.84
C GLU A 250 -38.74 11.94 -13.74
N ASP A 251 -37.98 11.20 -14.55
CA ASP A 251 -36.54 11.40 -14.60
C ASP A 251 -36.22 12.81 -15.10
N LYS A 252 -36.92 13.26 -16.14
CA LYS A 252 -36.72 14.62 -16.63
C LYS A 252 -37.02 15.64 -15.53
N ASN A 253 -38.04 15.39 -14.73
CA ASN A 253 -38.37 16.23 -13.59
C ASN A 253 -37.65 15.81 -12.31
N ALA A 254 -36.68 14.91 -12.40
CA ALA A 254 -35.89 14.53 -11.25
C ALA A 254 -34.87 15.62 -10.93
N LYS A 255 -34.69 15.90 -9.64
CA LYS A 255 -33.88 17.02 -9.22
C LYS A 255 -32.39 16.76 -9.48
N VAL A 256 -31.69 17.81 -9.92
CA VAL A 256 -30.24 17.75 -10.07
C VAL A 256 -29.60 17.54 -8.70
N ILE A 257 -28.33 17.12 -8.71
CA ILE A 257 -27.52 17.24 -7.51
C ILE A 257 -26.22 17.94 -7.89
N GLN A 258 -25.70 18.76 -6.97
CA GLN A 258 -24.48 19.49 -7.19
C GLN A 258 -23.46 19.08 -6.14
N ALA A 259 -22.28 18.69 -6.59
CA ALA A 259 -21.25 18.17 -5.69
C ALA A 259 -19.98 18.98 -5.84
N LYS A 260 -19.39 19.36 -4.71
CA LYS A 260 -18.07 19.95 -4.74
C LYS A 260 -17.02 18.85 -4.83
N ILE A 261 -16.11 18.96 -5.79
CA ILE A 261 -15.05 17.98 -5.97
C ILE A 261 -13.71 18.72 -6.04
N LYS A 262 -12.78 18.32 -5.18
CA LYS A 262 -11.42 18.85 -5.18
C LYS A 262 -11.43 20.38 -5.12
N ASN A 263 -12.24 20.92 -4.21
CA ASN A 263 -12.40 22.36 -4.05
C ASN A 263 -12.91 23.02 -5.33
N LYS A 264 -13.79 22.32 -6.04
CA LYS A 264 -14.48 22.83 -7.21
C LYS A 264 -15.87 22.21 -7.26
N THR A 265 -16.83 22.96 -7.80
CA THR A 265 -18.24 22.57 -7.78
C THR A 265 -18.71 22.19 -9.17
N TYR A 266 -19.41 21.05 -9.27
CA TYR A 266 -19.92 20.53 -10.52
C TYR A 266 -21.38 20.15 -10.34
N ASN A 267 -22.11 20.10 -11.46
CA ASN A 267 -23.50 19.66 -11.49
C ASN A 267 -23.55 18.25 -12.08
N TYR A 268 -24.13 17.31 -11.34
CA TYR A 268 -24.26 15.94 -11.82
C TYR A 268 -25.70 15.45 -11.68
N ILE A 269 -25.99 14.44 -12.51
CA ILE A 269 -27.30 13.77 -12.61
C ILE A 269 -27.43 12.73 -11.51
N PRO A 270 -28.57 12.62 -10.84
CA PRO A 270 -28.73 11.56 -9.84
C PRO A 270 -28.62 10.16 -10.42
N GLN A 271 -29.28 9.89 -11.55
CA GLN A 271 -29.26 8.56 -12.17
C GLN A 271 -27.84 8.10 -12.52
N ALA A 272 -26.91 9.02 -12.73
CA ALA A 272 -25.55 8.68 -13.14
C ALA A 272 -24.62 8.44 -11.97
N LEU A 273 -25.07 8.64 -10.73
CA LEU A 273 -24.20 8.69 -9.57
C LEU A 273 -24.50 7.54 -8.63
N THR A 274 -23.47 6.74 -8.33
CA THR A 274 -23.54 5.67 -7.34
C THR A 274 -22.57 5.98 -6.20
N PRO A 275 -22.98 5.77 -4.95
CA PRO A 275 -22.10 6.13 -3.83
C PRO A 275 -20.86 5.25 -3.78
N VAL A 276 -19.72 5.87 -3.45
CA VAL A 276 -18.50 5.10 -3.25
C VAL A 276 -18.68 4.18 -2.06
N ILE A 277 -18.21 2.94 -2.19
CA ILE A 277 -18.41 1.91 -1.19
C ILE A 277 -17.07 1.55 -0.59
N THR A 278 -16.83 2.01 0.64
CA THR A 278 -15.59 1.79 1.35
C THR A 278 -15.91 1.17 2.70
N ARG A 279 -14.93 0.44 3.25
CA ARG A 279 -15.15 -0.31 4.49
C ARG A 279 -15.74 0.56 5.60
N GLU A 280 -15.40 1.85 5.63
CA GLU A 280 -16.01 2.75 6.60
C GLU A 280 -17.50 2.91 6.35
N TYR A 281 -17.86 3.21 5.10
CA TYR A 281 -19.28 3.38 4.75
C TYR A 281 -20.04 2.08 4.95
N LEU A 282 -19.45 0.95 4.53
CA LEU A 282 -20.05 -0.35 4.78
C LEU A 282 -20.29 -0.58 6.26
N SER A 283 -19.30 -0.27 7.10
CA SER A 283 -19.42 -0.48 8.53
C SER A 283 -20.54 0.37 9.12
N HIS A 284 -20.56 1.65 8.78
CA HIS A 284 -21.53 2.54 9.42
C HIS A 284 -22.95 2.32 8.90
N THR A 285 -23.10 1.87 7.65
CA THR A 285 -24.44 1.61 7.13
C THR A 285 -24.93 0.21 7.51
N ASP A 286 -24.14 -0.81 7.20
CA ASP A 286 -24.51 -2.21 7.43
C ASP A 286 -23.38 -2.86 8.23
N LYS A 287 -23.54 -2.84 9.57
CA LYS A 287 -22.47 -3.32 10.44
C LYS A 287 -22.22 -4.81 10.28
N LYS A 288 -23.29 -5.61 10.23
CA LYS A 288 -23.14 -7.06 10.19
C LYS A 288 -22.49 -7.53 8.90
N PHE A 289 -22.71 -6.81 7.80
CA PHE A 289 -22.27 -7.30 6.50
C PHE A 289 -20.74 -7.24 6.37
N SER A 290 -20.12 -6.18 6.88
CA SER A 290 -18.66 -6.11 6.85
C SER A 290 -18.03 -7.26 7.62
N LYS A 291 -18.56 -7.56 8.81
CA LYS A 291 -18.07 -8.71 9.57
C LYS A 291 -18.28 -10.00 8.80
N GLN A 292 -19.44 -10.16 8.16
CA GLN A 292 -19.72 -11.38 7.41
C GLN A 292 -18.70 -11.59 6.30
N ILE A 293 -18.40 -10.53 5.54
CA ILE A 293 -17.45 -10.62 4.42
C ILE A 293 -15.99 -10.56 4.87
N GLU A 294 -15.75 -10.30 6.15
CA GLU A 294 -14.38 -10.20 6.66
C GLU A 294 -13.57 -11.46 6.34
N ASN A 295 -14.08 -12.64 6.70
CA ASN A 295 -13.39 -13.88 6.39
C ASN A 295 -13.13 -14.03 4.90
N VAL A 296 -14.01 -13.45 4.08
CA VAL A 296 -13.95 -13.66 2.63
C VAL A 296 -12.87 -12.79 1.99
N ILE A 297 -12.79 -11.51 2.37
CA ILE A 297 -11.93 -10.60 1.63
C ILE A 297 -10.45 -10.96 1.78
N LYS A 298 -10.05 -11.55 2.91
CA LYS A 298 -8.68 -11.99 3.12
C LYS A 298 -8.57 -13.48 2.81
N MET A 299 -7.65 -13.84 1.91
CA MET A 299 -7.64 -15.17 1.32
C MET A 299 -6.33 -15.89 1.61
N ASP A 300 -6.44 -17.03 2.29
CA ASP A 300 -5.35 -18.01 2.41
C ASP A 300 -4.82 -18.40 1.03
N MET A 301 -3.55 -18.83 0.97
CA MET A 301 -2.95 -19.19 -0.31
C MET A 301 -3.69 -20.36 -0.96
N ASN A 302 -4.05 -21.36 -0.17
CA ASN A 302 -4.82 -22.49 -0.73
C ASN A 302 -6.18 -22.03 -1.21
N TYR A 303 -6.83 -21.16 -0.47
CA TYR A 303 -8.08 -20.54 -0.91
C TYR A 303 -7.88 -19.79 -2.22
N ARG A 304 -6.78 -19.03 -2.33
CA ARG A 304 -6.42 -18.37 -3.58
C ARG A 304 -6.36 -19.38 -4.72
N TYR A 305 -5.59 -20.45 -4.53
CA TYR A 305 -5.45 -21.46 -5.56
C TYR A 305 -6.81 -22.02 -5.96
N GLN A 306 -7.70 -22.27 -4.99
CA GLN A 306 -9.00 -22.84 -5.31
C GLN A 306 -9.81 -21.89 -6.20
N THR A 307 -9.84 -20.60 -5.83
CA THR A 307 -10.59 -19.62 -6.65
C THR A 307 -10.00 -19.50 -8.05
N LEU A 308 -8.66 -19.37 -8.14
CA LEU A 308 -8.01 -19.24 -9.44
C LEU A 308 -8.22 -20.49 -10.28
N LYS A 309 -8.24 -21.66 -9.65
CA LYS A 309 -8.44 -22.91 -10.36
C LYS A 309 -9.84 -22.99 -10.94
N SER A 310 -10.85 -22.55 -10.16
CA SER A 310 -12.20 -22.47 -10.70
C SER A 310 -12.24 -21.53 -11.90
N PHE A 311 -11.57 -20.38 -11.80
CA PHE A 311 -11.49 -19.44 -12.91
C PHE A 311 -10.94 -20.10 -14.18
N VAL A 312 -9.77 -20.74 -14.05
CA VAL A 312 -9.11 -21.34 -15.20
C VAL A 312 -9.97 -22.45 -15.79
N GLU A 313 -10.58 -23.27 -14.93
CA GLU A 313 -11.50 -24.29 -15.41
C GLU A 313 -12.63 -23.68 -16.22
N ASP A 314 -13.15 -22.53 -15.76
CA ASP A 314 -14.22 -21.87 -16.51
C ASP A 314 -13.74 -21.35 -17.85
N ILE A 315 -12.47 -20.98 -17.96
CA ILE A 315 -11.94 -20.62 -19.29
C ILE A 315 -12.02 -21.82 -20.23
N GLY A 316 -11.44 -22.94 -19.83
CA GLY A 316 -11.58 -24.16 -20.60
C GLY A 316 -10.78 -24.14 -21.88
N VAL A 317 -11.39 -24.63 -22.96
CA VAL A 317 -10.73 -24.75 -24.26
C VAL A 317 -11.08 -23.51 -25.08
N ILE A 318 -10.06 -22.94 -25.72
CA ILE A 318 -10.23 -21.82 -26.64
C ILE A 318 -10.17 -22.41 -28.04
N LYS A 319 -11.35 -22.61 -28.65
CA LYS A 319 -11.40 -23.14 -30.01
C LYS A 319 -10.74 -22.21 -31.01
N GLU A 320 -10.81 -20.90 -30.75
CA GLU A 320 -10.25 -19.91 -31.67
C GLU A 320 -8.75 -20.08 -31.82
N LEU A 321 -8.05 -20.32 -30.71
CA LEU A 321 -6.63 -20.65 -30.78
C LEU A 321 -6.48 -22.15 -31.07
N ASN A 322 -5.24 -22.61 -31.19
CA ASN A 322 -4.98 -24.00 -31.51
C ASN A 322 -5.29 -24.89 -30.32
N ASN A 323 -6.59 -24.98 -29.98
CA ASN A 323 -7.06 -25.78 -28.84
C ASN A 323 -6.25 -25.48 -27.58
N LEU A 324 -6.07 -24.19 -27.30
CA LEU A 324 -5.30 -23.77 -26.14
C LEU A 324 -6.11 -23.91 -24.87
N HIS A 325 -5.53 -24.57 -23.87
CA HIS A 325 -6.11 -24.67 -22.54
C HIS A 325 -4.96 -24.64 -21.55
N PHE A 326 -5.30 -24.41 -20.28
CA PHE A 326 -4.30 -24.19 -19.24
C PHE A 326 -4.34 -25.30 -18.21
N LYS A 327 -3.17 -25.69 -17.72
CA LYS A 327 -3.09 -26.81 -16.79
C LYS A 327 -3.83 -26.48 -15.51
N ASN A 328 -4.18 -27.53 -14.78
CA ASN A 328 -5.05 -27.43 -13.60
C ASN A 328 -4.28 -27.26 -12.29
N GLN A 329 -2.95 -27.13 -12.35
CA GLN A 329 -2.12 -27.01 -11.15
C GLN A 329 -1.02 -25.98 -11.40
N TYR A 330 -0.55 -25.36 -10.33
CA TYR A 330 0.63 -24.51 -10.44
C TYR A 330 1.84 -25.34 -10.87
N TYR A 331 2.89 -24.63 -11.27
CA TYR A 331 4.21 -25.26 -11.35
C TYR A 331 4.69 -25.57 -9.95
N THR A 332 5.39 -26.70 -9.79
CA THR A 332 5.97 -27.01 -8.49
C THR A 332 7.19 -26.12 -8.20
N ASN A 333 8.01 -25.88 -9.22
CA ASN A 333 9.15 -24.98 -9.15
C ASN A 333 9.07 -23.98 -10.29
N PHE A 334 9.83 -22.90 -10.16
CA PHE A 334 10.11 -22.00 -11.27
C PHE A 334 11.59 -22.06 -11.62
N ASP A 335 12.21 -23.21 -11.38
CA ASP A 335 13.63 -23.40 -11.67
C ASP A 335 13.90 -23.52 -13.15
N PHE A 336 12.88 -23.78 -13.97
CA PHE A 336 13.07 -23.75 -15.42
C PHE A 336 13.35 -22.33 -15.90
N MET A 337 12.80 -21.33 -15.22
CA MET A 337 13.32 -19.98 -15.32
C MET A 337 14.50 -19.81 -14.36
N GLY A 338 15.24 -18.71 -14.51
CA GLY A 338 16.41 -18.47 -13.68
C GLY A 338 16.18 -18.57 -12.19
N PHE A 339 14.92 -18.48 -11.77
CA PHE A 339 14.58 -18.36 -10.35
C PHE A 339 15.06 -19.56 -9.55
N GLU A 340 15.64 -19.27 -8.39
CA GLU A 340 15.93 -20.27 -7.37
C GLU A 340 15.09 -19.96 -6.14
N SER A 341 14.51 -21.00 -5.56
CA SER A 341 13.74 -20.88 -4.34
C SER A 341 14.64 -21.08 -3.13
N GLY A 342 14.22 -20.53 -1.99
CA GLY A 342 14.98 -20.77 -0.78
C GLY A 342 14.25 -20.20 0.42
N VAL A 343 14.78 -20.53 1.60
CA VAL A 343 14.27 -20.01 2.86
C VAL A 343 15.44 -19.41 3.63
N LEU A 344 15.26 -18.19 4.12
CA LEU A 344 16.33 -17.47 4.79
C LEU A 344 16.42 -17.92 6.24
N GLU A 345 17.64 -18.26 6.67
CA GLU A 345 17.90 -18.58 8.06
C GLU A 345 17.56 -17.38 8.94
N GLU A 346 16.87 -17.63 10.03
CA GLU A 346 16.41 -16.54 10.88
C GLU A 346 17.60 -15.83 11.52
N PRO A 347 17.58 -14.50 11.60
CA PRO A 347 18.74 -13.78 12.13
C PRO A 347 18.82 -13.91 13.64
N VAL A 348 20.05 -13.85 14.15
CA VAL A 348 20.32 -13.99 15.58
C VAL A 348 20.43 -12.59 16.17
N LEU A 349 19.52 -12.26 17.08
CA LEU A 349 19.60 -10.99 17.80
C LEU A 349 20.39 -11.17 19.09
N MET A 350 20.99 -10.08 19.56
CA MET A 350 21.82 -10.07 20.75
C MET A 350 21.20 -9.16 21.80
N GLY A 351 20.86 -9.74 22.95
CA GLY A 351 20.55 -8.96 24.12
C GLY A 351 21.81 -8.44 24.78
N ALA A 352 21.62 -7.74 25.90
CA ALA A 352 22.77 -7.18 26.62
C ALA A 352 23.62 -8.28 27.22
N ASN A 353 23.00 -9.32 27.78
CA ASN A 353 23.76 -10.40 28.41
C ASN A 353 24.21 -11.46 27.41
N GLY A 354 23.44 -11.71 26.36
CA GLY A 354 23.83 -12.72 25.40
C GLY A 354 22.74 -12.98 24.38
N LYS A 355 22.86 -14.12 23.70
CA LYS A 355 21.90 -14.52 22.69
C LYS A 355 20.50 -14.58 23.28
N ILE A 356 19.52 -14.04 22.54
CA ILE A 356 18.13 -14.07 22.96
C ILE A 356 17.41 -15.16 22.20
N LYS A 357 16.64 -15.98 22.93
CA LYS A 357 15.90 -17.07 22.30
C LYS A 357 14.67 -16.57 21.56
N ASP A 358 14.08 -15.47 22.03
CA ASP A 358 12.89 -14.94 21.40
C ASP A 358 12.80 -13.45 21.71
N LYS A 359 12.11 -12.73 20.83
CA LYS A 359 11.94 -11.29 20.99
C LYS A 359 11.30 -10.97 22.35
N LYS A 360 10.22 -11.66 22.68
CA LYS A 360 9.48 -11.39 23.91
C LYS A 360 10.32 -11.60 25.16
N GLN A 361 11.51 -12.20 25.04
CA GLN A 361 12.39 -12.40 26.18
C GLN A 361 13.58 -11.46 26.21
N ILE A 362 13.65 -10.49 25.29
CA ILE A 362 14.74 -9.52 25.31
C ILE A 362 14.78 -8.75 26.62
N PHE A 363 13.72 -8.81 27.41
CA PHE A 363 13.72 -8.10 28.68
C PHE A 363 14.57 -8.82 29.71
N ILE A 364 14.64 -10.16 29.62
CA ILE A 364 15.59 -10.93 30.43
C ILE A 364 17.03 -10.58 30.08
N ASN A 365 17.32 -10.53 28.78
CA ASN A 365 18.70 -10.33 28.33
C ASN A 365 19.17 -8.88 28.50
N GLY A 366 18.26 -7.94 28.73
CA GLY A 366 18.60 -6.54 28.85
C GLY A 366 18.76 -5.83 27.52
N PHE A 367 18.46 -4.53 27.48
CA PHE A 367 18.66 -3.75 26.27
C PHE A 367 20.15 -3.51 26.06
N PHE A 368 20.57 -3.54 24.79
CA PHE A 368 22.01 -3.48 24.48
C PHE A 368 22.66 -2.21 25.02
N LYS A 369 21.95 -1.08 24.94
CA LYS A 369 22.49 0.17 25.43
C LYS A 369 21.38 0.99 26.10
N ASN A 370 21.74 1.66 27.18
CA ASN A 370 20.84 2.43 28.00
C ASN A 370 21.45 3.80 28.28
N PRO A 371 20.66 4.87 28.23
CA PRO A 371 21.20 6.22 28.38
C PRO A 371 21.55 6.55 29.83
N LYS A 372 21.96 7.80 30.04
CA LYS A 372 22.31 8.27 31.37
C LYS A 372 21.09 8.24 32.28
N GLU A 373 21.35 8.18 33.58
CA GLU A 373 20.36 7.64 34.51
C GLU A 373 19.37 8.68 35.00
N ASN A 374 18.12 8.23 35.20
CA ASN A 374 17.05 9.00 35.82
C ASN A 374 16.57 10.16 34.93
N VAL A 375 16.41 9.89 33.64
CA VAL A 375 15.78 10.85 32.73
C VAL A 375 14.30 10.96 33.11
N LYS A 376 13.90 12.13 33.62
CA LYS A 376 12.58 12.30 34.22
C LYS A 376 11.48 12.10 33.19
N PHE A 377 10.26 11.92 33.68
CA PHE A 377 9.09 11.92 32.82
C PHE A 377 7.88 12.43 33.59
N GLY A 378 6.98 13.09 32.86
CA GLY A 378 5.75 13.58 33.43
C GLY A 378 4.57 13.31 32.51
N VAL A 379 3.37 13.41 33.07
CA VAL A 379 2.15 13.00 32.38
C VAL A 379 1.26 14.23 32.18
N LEU A 380 0.37 14.13 31.19
CA LEU A 380 -0.70 15.09 30.98
C LEU A 380 -2.02 14.33 30.87
N TYR A 381 -2.92 14.56 31.83
CA TYR A 381 -4.21 13.88 31.79
C TYR A 381 -5.33 14.87 31.49
N PRO A 382 -6.28 14.50 30.62
CA PRO A 382 -7.46 15.34 30.44
C PRO A 382 -8.20 15.51 31.75
N GLU A 383 -8.93 16.63 31.87
CA GLU A 383 -9.54 16.99 33.15
C GLU A 383 -10.46 15.88 33.66
N GLY A 384 -11.33 15.36 32.79
CA GLY A 384 -12.33 14.40 33.20
C GLY A 384 -11.82 13.15 33.88
N CYS A 385 -10.97 12.38 33.19
CA CYS A 385 -10.50 11.09 33.69
C CYS A 385 -8.99 11.18 33.94
N MET A 386 -8.63 11.57 35.16
CA MET A 386 -7.23 11.58 35.59
C MET A 386 -6.87 10.31 36.35
N GLU A 387 -7.88 9.67 36.96
CA GLU A 387 -7.68 8.45 37.73
C GLU A 387 -6.95 7.42 36.88
N ASN A 388 -7.51 7.12 35.70
CA ASN A 388 -6.83 6.29 34.71
C ASN A 388 -5.35 6.62 34.62
N ALA A 389 -5.04 7.91 34.43
CA ALA A 389 -3.66 8.33 34.27
C ALA A 389 -2.78 7.80 35.39
N GLN A 390 -3.18 8.02 36.64
CA GLN A 390 -2.40 7.49 37.75
C GLN A 390 -2.22 5.98 37.59
N SER A 391 -3.34 5.27 37.38
CA SER A 391 -3.28 3.82 37.20
C SER A 391 -2.30 3.41 36.12
N ILE A 392 -2.19 4.19 35.03
CA ILE A 392 -1.25 3.77 34.00
C ILE A 392 0.17 4.11 34.40
N ALA A 393 0.38 5.31 34.97
CA ALA A 393 1.73 5.76 35.29
C ALA A 393 2.47 4.69 36.10
N ARG A 394 1.94 4.37 37.29
CA ARG A 394 2.55 3.35 38.14
C ARG A 394 2.77 2.06 37.36
N SER A 395 1.77 1.62 36.60
CA SER A 395 1.94 0.38 35.83
C SER A 395 3.19 0.48 34.96
N ILE A 396 3.25 1.53 34.14
CA ILE A 396 4.44 1.78 33.33
C ILE A 396 5.68 1.76 34.22
N LEU A 397 5.63 2.55 35.30
CA LEU A 397 6.75 2.62 36.23
C LEU A 397 7.10 1.23 36.75
N ASP A 398 6.08 0.49 37.23
CA ASP A 398 6.36 -0.82 37.80
C ASP A 398 6.97 -1.75 36.78
N PHE A 399 6.70 -1.51 35.50
CA PHE A 399 7.29 -2.35 34.46
C PHE A 399 8.78 -2.08 34.31
N ALA A 400 9.18 -0.81 34.34
CA ALA A 400 10.59 -0.49 34.18
C ALA A 400 11.42 -1.05 35.32
N THR A 401 10.82 -1.15 36.50
CA THR A 401 11.44 -1.77 37.67
C THR A 401 11.09 -3.26 37.71
N ALA A 402 11.27 -3.88 38.88
CA ALA A 402 11.06 -5.32 39.00
C ALA A 402 9.59 -5.70 38.83
N GLY A 403 8.67 -4.85 39.29
CA GLY A 403 7.31 -5.24 39.62
C GLY A 403 6.28 -5.22 38.51
N LYS A 404 6.70 -5.60 37.30
CA LYS A 404 6.00 -5.31 36.07
C LYS A 404 4.47 -5.30 36.15
N TYR A 405 3.85 -6.41 36.56
CA TYR A 405 2.40 -6.44 36.52
C TYR A 405 1.82 -6.11 37.90
N ASN A 406 0.49 -6.21 38.02
CA ASN A 406 -0.21 -5.68 39.19
C ASN A 406 0.46 -6.12 40.49
N LYS A 407 0.78 -7.40 40.59
CA LYS A 407 1.59 -7.91 41.69
C LYS A 407 3.06 -7.88 41.26
N GLN A 408 3.92 -7.29 42.08
CA GLN A 408 5.33 -7.19 41.71
C GLN A 408 5.90 -8.56 41.35
N GLU A 409 6.46 -8.67 40.15
CA GLU A 409 6.80 -9.98 39.60
C GLU A 409 8.05 -9.91 38.73
N ASN A 410 9.05 -10.73 39.07
CA ASN A 410 10.25 -10.91 38.24
C ASN A 410 10.14 -12.14 37.35
N LYS A 411 9.06 -12.92 37.47
CA LYS A 411 8.97 -14.24 36.85
C LYS A 411 8.80 -14.18 35.32
N TYR A 412 8.60 -12.99 34.75
CA TYR A 412 8.59 -12.82 33.30
C TYR A 412 9.22 -11.50 32.85
N ILE A 413 9.67 -10.63 33.77
CA ILE A 413 10.24 -9.33 33.46
C ILE A 413 11.45 -9.11 34.35
N SER A 414 12.50 -8.51 33.80
CA SER A 414 13.72 -8.25 34.57
C SER A 414 13.57 -6.99 35.42
N LYS A 415 14.57 -6.71 36.24
CA LYS A 415 14.53 -5.61 37.19
C LYS A 415 15.46 -4.50 36.74
N ASN A 416 15.00 -3.25 36.88
CA ASN A 416 15.81 -2.07 36.57
C ASN A 416 16.33 -2.12 35.13
N LEU A 417 15.39 -2.14 34.20
CA LEU A 417 15.71 -2.28 32.78
C LEU A 417 16.31 -1.00 32.21
N MET A 418 15.61 0.13 32.35
CA MET A 418 16.02 1.39 31.75
C MET A 418 16.06 2.47 32.82
N ASN A 419 17.05 3.35 32.72
CA ASN A 419 17.20 4.45 33.65
C ASN A 419 16.22 5.56 33.29
N ILE A 420 15.09 5.60 33.99
CA ILE A 420 14.07 6.62 33.77
C ILE A 420 13.80 7.34 35.09
N GLY A 421 13.06 8.45 35.00
CA GLY A 421 12.69 9.26 36.14
C GLY A 421 11.79 8.55 37.13
N PHE A 422 11.24 9.32 38.09
CA PHE A 422 10.38 8.75 39.13
C PHE A 422 9.06 9.51 39.27
N LYS A 423 8.77 10.45 38.38
CA LYS A 423 7.59 11.31 38.47
C LYS A 423 7.46 12.00 39.83
N PRO A 424 8.48 12.74 40.27
CA PRO A 424 8.41 13.37 41.60
C PRO A 424 7.71 14.73 41.57
N SER A 425 7.76 15.45 42.69
CA SER A 425 7.15 16.77 42.77
C SER A 425 7.72 17.75 41.76
N GLU A 426 8.90 17.50 41.22
CA GLU A 426 9.40 18.26 40.08
C GLU A 426 8.81 17.68 38.80
N CYS A 427 8.55 18.56 37.83
CA CYS A 427 7.86 18.23 36.57
C CYS A 427 6.62 17.37 36.84
N ILE A 428 5.65 17.99 37.53
CA ILE A 428 4.42 17.32 37.94
C ILE A 428 3.48 17.16 36.74
N PHE A 429 2.63 16.14 36.82
CA PHE A 429 1.54 15.93 35.87
C PHE A 429 0.28 16.64 36.35
N GLU A 430 -0.39 17.35 35.44
CA GLU A 430 -1.56 18.17 35.79
C GLU A 430 -2.66 18.03 34.74
N SER A 431 -3.86 18.48 35.11
CA SER A 431 -5.05 18.39 34.29
C SER A 431 -5.05 19.43 33.17
N TYR A 432 -5.81 19.14 32.12
CA TYR A 432 -6.02 20.10 31.05
C TYR A 432 -7.40 19.89 30.44
N LYS A 433 -8.01 21.00 30.03
CA LYS A 433 -9.32 20.96 29.39
C LYS A 433 -9.17 20.57 27.92
N LEU A 434 -10.30 20.48 27.23
CA LEU A 434 -10.34 20.12 25.82
C LEU A 434 -11.27 21.04 25.06
N GLY A 435 -11.14 21.03 23.74
CA GLY A 435 -12.01 21.78 22.86
C GLY A 435 -11.36 22.95 22.16
N ASP A 436 -10.13 23.30 22.50
CA ASP A 436 -9.44 24.45 21.92
C ASP A 436 -8.04 24.02 21.50
N ILE A 437 -7.80 24.01 20.18
CA ILE A 437 -6.50 23.61 19.65
C ILE A 437 -5.40 24.52 20.19
N THR A 438 -5.64 25.84 20.15
CA THR A 438 -4.67 26.79 20.67
C THR A 438 -4.35 26.50 22.14
N GLU A 439 -5.36 26.10 22.92
CA GLU A 439 -5.13 25.78 24.32
C GLU A 439 -4.35 24.47 24.49
N TYR A 440 -4.52 23.53 23.55
CA TYR A 440 -3.66 22.35 23.54
C TYR A 440 -2.20 22.76 23.38
N LYS A 441 -1.94 23.59 22.36
CA LYS A 441 -0.59 24.11 22.17
C LYS A 441 -0.11 24.86 23.41
N ALA A 442 -1.03 25.56 24.09
CA ALA A 442 -0.67 26.32 25.28
C ALA A 442 -0.23 25.40 26.42
N THR A 443 -0.96 24.31 26.66
CA THR A 443 -0.55 23.36 27.70
C THR A 443 0.80 22.74 27.35
N ALA A 444 0.97 22.33 26.11
CA ALA A 444 2.27 21.78 25.70
C ALA A 444 3.37 22.82 25.82
N ARG A 445 3.02 24.11 25.75
CA ARG A 445 4.00 25.17 26.02
C ARG A 445 4.30 25.27 27.51
N LYS A 446 3.28 25.15 28.36
CA LYS A 446 3.48 25.10 29.80
C LYS A 446 4.51 24.04 30.15
N LEU A 447 4.49 22.92 29.43
CA LEU A 447 5.48 21.87 29.64
C LEU A 447 6.92 22.40 29.60
N LYS A 448 7.17 23.42 28.78
CA LYS A 448 8.54 23.92 28.57
C LYS A 448 9.14 24.48 29.86
N GLU A 449 8.31 24.99 30.76
CA GLU A 449 8.83 25.66 31.96
C GLU A 449 9.55 24.69 32.88
N HIS A 450 9.04 23.46 32.99
CA HIS A 450 9.65 22.48 33.89
C HIS A 450 11.01 22.03 33.36
N GLU A 451 12.02 22.14 34.21
CA GLU A 451 13.40 21.91 33.80
C GLU A 451 13.70 20.43 33.66
N LYS A 452 14.33 20.06 32.54
CA LYS A 452 14.76 18.69 32.27
C LYS A 452 13.64 17.70 32.50
N VAL A 453 12.49 17.95 31.86
CA VAL A 453 11.33 17.11 32.03
C VAL A 453 11.52 15.74 31.38
N GLY A 454 12.44 15.63 30.42
CA GLY A 454 12.65 14.35 29.76
C GLY A 454 11.47 14.01 28.86
N PHE A 455 11.37 12.72 28.52
CA PHE A 455 10.28 12.27 27.68
C PHE A 455 8.94 12.44 28.42
N VAL A 456 7.88 12.64 27.65
CA VAL A 456 6.58 12.98 28.21
C VAL A 456 5.60 11.87 27.89
N ILE A 457 4.65 11.66 28.80
CA ILE A 457 3.52 10.77 28.59
C ILE A 457 2.25 11.60 28.67
N ALA A 458 1.37 11.44 27.69
CA ALA A 458 0.08 12.10 27.70
C ALA A 458 -1.00 11.04 27.54
N VAL A 459 -2.20 11.36 28.03
CA VAL A 459 -3.38 10.52 27.84
C VAL A 459 -4.32 11.27 26.91
N ILE A 460 -4.68 10.65 25.79
CA ILE A 460 -5.56 11.30 24.82
C ILE A 460 -6.94 10.64 24.88
N PRO A 461 -8.02 11.41 24.84
CA PRO A 461 -9.35 10.81 24.82
C PRO A 461 -9.62 10.09 23.51
N ASP A 462 -10.48 9.07 23.57
CA ASP A 462 -10.89 8.34 22.39
C ASP A 462 -11.84 9.16 21.55
N MET A 463 -11.68 9.11 20.23
CA MET A 463 -12.57 9.80 19.33
C MET A 463 -13.76 8.94 18.95
N LEU A 466 -14.59 12.84 17.10
CA LEU A 466 -15.80 13.65 17.00
C LEU A 466 -15.42 15.13 17.07
N GLU A 467 -16.08 15.86 17.96
CA GLU A 467 -15.81 17.27 18.19
C GLU A 467 -14.62 17.50 19.12
N VAL A 468 -13.99 16.43 19.60
CA VAL A 468 -12.90 16.55 20.56
C VAL A 468 -11.67 17.17 19.91
N GLU A 469 -11.42 16.84 18.65
CA GLU A 469 -10.20 17.25 17.93
C GLU A 469 -8.97 16.84 18.74
N ASN A 470 -8.75 15.52 18.81
CA ASN A 470 -7.79 14.92 19.72
C ASN A 470 -6.42 15.60 19.59
N PRO A 471 -5.75 15.90 20.73
CA PRO A 471 -4.54 16.72 20.68
C PRO A 471 -3.27 15.94 20.36
N TYR A 472 -3.36 14.73 19.80
CA TYR A 472 -2.14 14.03 19.38
C TYR A 472 -1.25 14.91 18.50
N ASN A 473 -1.85 15.57 17.52
CA ASN A 473 -1.04 16.35 16.56
C ASN A 473 -0.50 17.64 17.16
N PRO A 474 -1.29 18.48 17.85
CA PRO A 474 -0.69 19.70 18.43
C PRO A 474 0.34 19.40 19.50
N PHE A 475 0.08 18.43 20.38
CA PHE A 475 1.07 18.03 21.37
C PHE A 475 2.35 17.54 20.70
N LYS A 476 2.20 16.65 19.71
CA LYS A 476 3.35 16.18 18.94
C LYS A 476 4.13 17.34 18.36
N LYS A 477 3.44 18.33 17.80
CA LYS A 477 4.13 19.42 17.11
C LYS A 477 4.88 20.31 18.09
N VAL A 478 4.21 20.74 19.18
CA VAL A 478 4.87 21.62 20.14
C VAL A 478 6.09 20.93 20.76
N TRP A 479 5.94 19.66 21.14
CA TRP A 479 7.09 18.95 21.70
C TRP A 479 8.11 18.57 20.64
N ALA A 480 7.76 18.68 19.36
CA ALA A 480 8.72 18.45 18.28
C ALA A 480 9.58 19.68 18.01
N LYS A 481 9.00 20.88 18.16
CA LYS A 481 9.79 22.09 18.10
C LYS A 481 10.97 22.01 19.07
N LEU A 482 10.66 21.91 20.36
CA LEU A 482 11.66 21.55 21.35
C LEU A 482 12.15 20.13 21.09
N ASN A 483 13.32 19.80 21.64
CA ASN A 483 13.85 18.44 21.51
C ASN A 483 13.30 17.59 22.67
N ILE A 484 12.00 17.30 22.57
CA ILE A 484 11.25 16.64 23.62
C ILE A 484 10.50 15.45 23.05
N PRO A 485 10.75 14.22 23.52
CA PRO A 485 10.02 13.05 23.02
C PRO A 485 8.73 12.81 23.79
N SER A 486 7.77 12.20 23.11
CA SER A 486 6.41 12.05 23.63
C SER A 486 5.86 10.65 23.37
N GLN A 487 4.99 10.20 24.28
CA GLN A 487 4.42 8.85 24.28
C GLN A 487 2.91 8.90 24.59
N MET A 488 2.16 9.67 23.80
CA MET A 488 0.70 9.69 23.94
C MET A 488 0.12 8.28 24.00
N ILE A 489 -0.87 8.10 24.87
CA ILE A 489 -1.48 6.80 25.15
C ILE A 489 -3.00 6.95 25.14
N THR A 490 -3.66 5.92 24.59
CA THR A 490 -5.12 5.93 24.46
C THR A 490 -5.81 5.83 25.82
N LEU A 491 -6.92 6.56 25.97
CA LEU A 491 -7.70 6.52 27.19
C LEU A 491 -8.28 5.12 27.44
N LYS A 492 -8.70 4.43 26.37
CA LYS A 492 -9.25 3.09 26.52
C LYS A 492 -8.18 2.10 26.97
N THR A 493 -6.98 2.19 26.38
CA THR A 493 -5.87 1.37 26.84
C THR A 493 -5.56 1.64 28.31
N THR A 494 -5.88 2.84 28.80
CA THR A 494 -5.71 3.13 30.21
C THR A 494 -6.81 2.47 31.05
N GLU A 495 -8.06 2.54 30.59
CA GLU A 495 -9.16 1.84 31.25
C GLU A 495 -8.90 0.34 31.33
N LYS A 496 -8.05 -0.19 30.46
CA LYS A 496 -7.67 -1.61 30.58
C LYS A 496 -7.00 -1.91 31.91
N PHE A 497 -6.09 -1.04 32.36
CA PHE A 497 -5.13 -1.42 33.41
C PHE A 497 -5.71 -1.42 34.81
N LYS A 498 -6.87 -0.81 35.05
CA LYS A 498 -7.47 -0.84 36.37
C LYS A 498 -7.78 -2.27 36.81
N ASN A 499 -8.56 -2.99 36.00
CA ASN A 499 -8.87 -4.38 36.30
C ASN A 499 -7.63 -5.25 36.14
N ILE A 500 -7.52 -6.27 37.00
CA ILE A 500 -6.40 -7.21 36.98
C ILE A 500 -6.78 -8.49 36.24
N VAL A 501 -7.81 -8.42 35.38
CA VAL A 501 -8.48 -9.63 34.90
C VAL A 501 -7.56 -10.48 34.03
N ASP A 502 -6.79 -9.84 33.15
CA ASP A 502 -6.05 -10.58 32.12
C ASP A 502 -4.57 -10.23 32.17
N LYS A 503 -3.78 -11.02 31.43
CA LYS A 503 -2.35 -10.82 31.26
C LYS A 503 -2.00 -10.06 29.99
N SER A 504 -3.00 -9.81 29.14
CA SER A 504 -2.79 -9.25 27.81
C SER A 504 -2.12 -7.89 27.88
N GLY A 505 -2.08 -7.31 29.09
CA GLY A 505 -1.36 -6.07 29.28
C GLY A 505 0.09 -6.13 28.85
N LEU A 506 0.71 -7.30 28.97
CA LEU A 506 2.15 -7.40 28.70
C LEU A 506 2.46 -7.06 27.26
N TYR A 507 1.70 -7.64 26.32
CA TYR A 507 1.89 -7.32 24.90
C TYR A 507 1.70 -5.83 24.66
N TYR A 508 0.81 -5.18 25.42
CA TYR A 508 0.77 -3.72 25.42
C TYR A 508 2.08 -3.15 25.94
N LEU A 509 2.43 -3.50 27.17
CA LEU A 509 3.61 -2.94 27.82
C LEU A 509 4.86 -3.15 26.98
N HIS A 510 5.08 -4.39 26.53
CA HIS A 510 6.20 -4.69 25.64
C HIS A 510 6.38 -3.61 24.59
N ASN A 511 5.29 -3.30 23.86
CA ASN A 511 5.37 -2.29 22.83
C ASN A 511 5.72 -0.93 23.44
N ILE A 512 4.92 -0.48 24.41
CA ILE A 512 5.10 0.85 24.99
C ILE A 512 6.56 1.02 25.42
N ALA A 513 7.01 0.15 26.32
CA ALA A 513 8.41 0.18 26.78
C ALA A 513 9.37 0.29 25.61
N LEU A 514 9.25 -0.62 24.65
CA LEU A 514 10.11 -0.58 23.47
C LEU A 514 10.04 0.78 22.81
N ASN A 515 8.83 1.20 22.45
CA ASN A 515 8.62 2.53 21.90
C ASN A 515 9.32 3.59 22.76
N ILE A 516 9.08 3.54 24.07
CA ILE A 516 9.69 4.53 24.96
C ILE A 516 11.21 4.48 24.88
N LEU A 517 11.78 3.27 24.99
CA LEU A 517 13.24 3.17 24.91
C LEU A 517 13.73 3.62 23.55
N GLY A 518 12.93 3.40 22.51
CA GLY A 518 13.30 3.87 21.20
C GLY A 518 13.14 5.37 21.05
N LYS A 519 12.19 5.95 21.79
CA LYS A 519 12.02 7.39 21.76
C LYS A 519 13.09 8.11 22.59
N ILE A 520 13.96 7.34 23.23
CA ILE A 520 15.21 7.84 23.80
C ILE A 520 16.31 7.10 23.03
N GLY A 521 17.57 7.42 23.32
CA GLY A 521 18.67 6.81 22.58
C GLY A 521 18.84 5.32 22.80
N GLY A 522 18.13 4.74 23.77
CA GLY A 522 18.34 3.34 24.09
C GLY A 522 17.94 2.43 22.94
N ILE A 523 18.70 1.34 22.79
CA ILE A 523 18.49 0.34 21.74
C ILE A 523 18.29 -1.01 22.42
N PRO A 524 17.27 -1.79 22.03
CA PRO A 524 17.02 -3.07 22.71
C PRO A 524 17.93 -4.20 22.28
N TRP A 525 18.26 -4.29 20.99
CA TRP A 525 18.95 -5.47 20.50
C TRP A 525 19.76 -5.13 19.25
N ILE A 526 20.51 -6.15 18.78
CA ILE A 526 21.55 -6.03 17.78
C ILE A 526 21.61 -7.37 17.04
N ILE A 527 22.34 -7.42 15.94
CA ILE A 527 22.62 -8.67 15.23
C ILE A 527 24.00 -9.17 15.63
N LYS A 528 24.07 -10.46 15.96
CA LYS A 528 25.37 -11.12 16.14
C LYS A 528 26.09 -11.27 14.81
N ASP A 529 25.47 -11.95 13.86
CA ASP A 529 26.10 -12.33 12.60
C ASP A 529 25.39 -11.63 11.46
N MET A 530 26.08 -10.67 10.84
CA MET A 530 25.71 -9.94 9.64
C MET A 530 26.75 -10.21 8.57
N PRO A 531 26.38 -10.17 7.27
CA PRO A 531 27.40 -10.25 6.20
C PRO A 531 28.67 -9.46 6.50
N GLY A 532 28.54 -8.18 6.82
CA GLY A 532 29.61 -7.44 7.45
C GLY A 532 30.46 -6.59 6.55
N ASN A 533 30.36 -6.75 5.23
CA ASN A 533 31.16 -5.93 4.33
C ASN A 533 30.82 -4.45 4.46
N ILE A 534 29.54 -4.15 4.66
CA ILE A 534 29.08 -2.77 4.73
C ILE A 534 29.41 -2.16 6.08
N ASP A 535 29.73 -0.85 6.06
CA ASP A 535 29.94 -0.08 7.27
C ASP A 535 28.75 0.78 7.64
N CYS A 536 27.88 1.11 6.68
CA CYS A 536 26.79 2.05 6.91
C CYS A 536 25.62 1.72 5.99
N PHE A 537 24.42 1.74 6.54
CA PHE A 537 23.19 1.46 5.81
C PHE A 537 22.35 2.73 5.74
N ILE A 538 21.72 2.97 4.60
CA ILE A 538 20.90 4.16 4.41
C ILE A 538 19.66 3.80 3.61
N GLY A 539 18.51 4.32 4.06
CA GLY A 539 17.29 4.18 3.30
C GLY A 539 16.57 5.51 3.23
N LEU A 540 15.74 5.66 2.20
CA LEU A 540 14.99 6.90 2.03
C LEU A 540 13.68 6.63 1.32
N ALA A 541 12.71 7.52 1.56
CA ALA A 541 11.39 7.41 0.97
C ALA A 541 10.75 8.78 0.92
N VAL A 542 9.78 8.94 0.03
CA VAL A 542 9.08 10.21 -0.17
C VAL A 542 7.59 9.98 0.11
N GLY A 543 7.04 10.79 1.00
CA GLY A 543 5.62 10.77 1.31
C GLY A 543 5.00 12.09 0.92
N THR A 544 3.80 12.02 0.35
CA THR A 544 3.14 13.15 -0.31
C THR A 544 1.70 13.23 0.19
N ARG A 545 1.40 14.22 1.02
CA ARG A 545 0.03 14.32 1.52
C ARG A 545 -0.89 15.00 0.51
N GLU A 546 -0.42 16.07 -0.13
CA GLU A 546 -1.24 16.83 -1.06
C GLU A 546 -0.72 16.68 -2.49
N LYS A 547 -1.58 17.00 -3.45
CA LYS A 547 -1.22 16.94 -4.85
C LYS A 547 -0.04 17.87 -5.14
N GLY A 548 1.00 17.33 -5.75
CA GLY A 548 2.16 18.13 -6.11
C GLY A 548 2.95 18.66 -4.93
N ILE A 549 3.01 17.89 -3.84
CA ILE A 549 3.84 18.21 -2.69
C ILE A 549 4.52 16.91 -2.27
N HIS A 550 5.85 16.84 -2.40
CA HIS A 550 6.59 15.62 -2.09
C HIS A 550 7.56 15.90 -0.96
N PHE A 551 7.48 15.10 0.10
CA PHE A 551 8.41 15.21 1.23
C PHE A 551 9.37 14.03 1.20
N PRO A 552 10.63 14.22 0.85
CA PRO A 552 11.63 13.15 1.07
C PRO A 552 11.83 12.92 2.56
N ALA A 553 12.61 11.89 2.86
CA ALA A 553 13.01 11.56 4.23
C ALA A 553 14.01 10.42 4.18
N CYS A 554 14.89 10.36 5.19
CA CYS A 554 15.97 9.39 5.20
C CYS A 554 16.23 8.85 6.60
N SER A 555 16.74 7.62 6.66
CA SER A 555 17.15 6.97 7.90
C SER A 555 18.45 6.19 7.65
N VAL A 556 19.24 6.01 8.70
CA VAL A 556 20.61 5.53 8.58
C VAL A 556 20.96 4.66 9.78
N LEU A 557 21.69 3.59 9.51
CA LEU A 557 22.45 2.85 10.50
C LEU A 557 23.92 3.10 10.24
N PHE A 558 24.66 3.45 11.30
CA PHE A 558 26.09 3.74 11.17
C PHE A 558 26.94 2.50 11.37
N ASP A 559 26.34 1.33 11.28
CA ASP A 559 27.01 0.07 11.57
C ASP A 559 26.13 -1.06 11.04
N LYS A 560 26.78 -2.14 10.60
CA LYS A 560 26.05 -3.29 10.10
C LYS A 560 25.09 -3.82 11.16
N TYR A 561 25.57 -4.00 12.39
CA TYR A 561 24.82 -4.68 13.43
C TYR A 561 23.57 -3.93 13.88
N GLY A 562 23.37 -2.69 13.44
CA GLY A 562 22.25 -1.92 13.93
C GLY A 562 22.43 -1.38 15.32
N LYS A 563 23.66 -0.99 15.67
CA LYS A 563 23.94 -0.46 17.01
C LYS A 563 23.26 0.88 17.23
N LEU A 564 23.30 1.76 16.23
CA LEU A 564 22.75 3.11 16.37
C LEU A 564 21.91 3.45 15.14
N ILE A 565 20.71 3.96 15.40
CA ILE A 565 19.79 4.38 14.35
C ILE A 565 19.67 5.90 14.39
N ASN A 566 19.70 6.52 13.21
CA ASN A 566 19.52 7.96 13.08
C ASN A 566 18.62 8.23 11.88
N TYR A 567 18.17 9.48 11.76
CA TYR A 567 17.21 9.85 10.74
C TYR A 567 17.37 11.31 10.39
N TYR A 568 17.28 11.63 9.10
CA TYR A 568 17.32 13.00 8.62
C TYR A 568 16.04 13.30 7.87
N LYS A 569 15.25 14.22 8.41
CA LYS A 569 14.13 14.81 7.69
C LYS A 569 14.64 15.98 6.85
N PRO A 570 14.19 16.12 5.61
CA PRO A 570 14.71 17.18 4.74
C PRO A 570 14.30 18.56 5.24
N THR A 571 14.85 19.58 4.58
CA THR A 571 14.49 20.95 4.91
C THR A 571 13.25 21.41 4.14
N ILE A 572 13.16 21.07 2.87
CA ILE A 572 12.16 21.68 1.98
C ILE A 572 11.52 20.60 1.12
N PRO A 573 10.29 20.86 0.66
CA PRO A 573 9.57 19.90 -0.20
C PRO A 573 10.19 19.73 -1.59
N GLN A 574 9.58 18.86 -2.40
CA GLN A 574 10.15 18.43 -3.67
C GLN A 574 9.21 18.59 -4.87
N SER A 575 7.92 18.32 -4.70
CA SER A 575 6.92 18.38 -5.78
C SER A 575 7.29 17.44 -6.94
N GLY A 576 7.62 16.20 -6.60
CA GLY A 576 7.96 15.20 -7.59
C GLY A 576 8.57 13.96 -6.97
N GLU A 577 8.22 12.78 -7.49
CA GLU A 577 8.73 11.55 -6.90
C GLU A 577 10.25 11.45 -7.02
N LYS A 578 10.78 11.76 -8.21
CA LYS A 578 12.23 11.72 -8.41
C LYS A 578 12.91 12.69 -7.45
N ILE A 579 13.80 12.17 -6.61
CA ILE A 579 14.47 13.00 -5.61
C ILE A 579 15.27 14.09 -6.29
N ALA A 580 15.11 15.32 -5.80
CA ALA A 580 15.88 16.44 -6.33
C ALA A 580 17.34 16.29 -5.93
N GLU A 581 18.24 16.62 -6.88
CA GLU A 581 19.67 16.49 -6.62
C GLU A 581 20.13 17.37 -5.47
N THR A 582 19.48 18.52 -5.27
CA THR A 582 19.81 19.38 -4.13
C THR A 582 19.45 18.68 -2.82
N ILE A 583 18.32 17.98 -2.79
CA ILE A 583 17.93 17.24 -1.60
C ILE A 583 18.89 16.09 -1.35
N LEU A 584 19.38 15.46 -2.42
CA LEU A 584 20.41 14.43 -2.28
C LEU A 584 21.67 15.01 -1.66
N GLN A 585 22.13 16.15 -2.18
CA GLN A 585 23.29 16.83 -1.61
C GLN A 585 23.08 17.10 -0.12
N GLU A 586 21.92 17.64 0.23
CA GLU A 586 21.63 17.97 1.62
C GLU A 586 21.67 16.73 2.50
N ILE A 587 20.93 15.69 2.10
CA ILE A 587 20.81 14.48 2.90
C ILE A 587 22.18 13.86 3.11
N PHE A 588 22.93 13.65 2.03
CA PHE A 588 24.19 12.94 2.16
C PHE A 588 25.26 13.79 2.83
N ASP A 589 25.22 15.11 2.65
CA ASP A 589 26.09 15.99 3.42
C ASP A 589 25.85 15.80 4.91
N ASN A 590 24.60 15.96 5.35
CA ASN A 590 24.33 15.84 6.78
C ASN A 590 24.68 14.46 7.31
N VAL A 591 24.31 13.40 6.58
CA VAL A 591 24.53 12.05 7.08
C VAL A 591 26.02 11.73 7.15
N LEU A 592 26.76 12.03 6.07
CA LEU A 592 28.19 11.73 6.07
C LEU A 592 28.95 12.59 7.06
N ILE A 593 28.51 13.84 7.28
CA ILE A 593 29.16 14.67 8.29
C ILE A 593 28.93 14.10 9.68
N SER A 594 27.70 13.66 9.97
CA SER A 594 27.43 13.07 11.28
C SER A 594 28.17 11.75 11.46
N TYR A 595 28.36 10.99 10.37
CA TYR A 595 29.13 9.76 10.45
C TYR A 595 30.61 10.04 10.67
N LYS A 596 31.14 11.07 10.00
CA LYS A 596 32.52 11.48 10.19
C LYS A 596 32.76 11.96 11.62
N GLU A 597 31.81 12.72 12.17
CA GLU A 597 31.95 13.20 13.54
C GLU A 597 31.99 12.04 14.52
N GLU A 598 31.08 11.07 14.37
CA GLU A 598 30.95 10.01 15.35
C GLU A 598 32.07 8.98 15.25
N ASN A 599 32.45 8.59 14.03
CA ASN A 599 33.40 7.51 13.82
C ASN A 599 34.78 7.97 13.37
N GLY A 600 34.95 9.23 13.00
CA GLY A 600 36.26 9.75 12.62
C GLY A 600 36.36 10.26 11.20
N GLU A 601 35.74 9.55 10.25
CA GLU A 601 35.82 9.91 8.83
C GLU A 601 34.73 9.16 8.09
N TYR A 602 34.74 9.30 6.76
CA TYR A 602 33.70 8.78 5.88
C TYR A 602 33.80 7.25 5.77
N PRO A 603 32.71 6.59 5.37
CA PRO A 603 32.67 5.13 5.36
C PRO A 603 33.36 4.54 4.14
N LYS A 604 33.80 3.29 4.30
CA LYS A 604 34.48 2.58 3.22
C LYS A 604 33.52 2.27 2.08
N ASN A 605 32.41 1.58 2.38
CA ASN A 605 31.39 1.32 1.38
C ASN A 605 30.02 1.23 2.07
N ILE A 606 28.97 1.46 1.27
CA ILE A 606 27.65 1.77 1.80
C ILE A 606 26.59 1.18 0.87
N VAL A 607 25.41 0.90 1.43
CA VAL A 607 24.30 0.31 0.71
C VAL A 607 23.05 1.12 1.00
N ILE A 608 22.27 1.42 -0.04
CA ILE A 608 21.13 2.31 0.08
C ILE A 608 19.87 1.61 -0.42
N HIS A 609 18.74 1.89 0.26
CA HIS A 609 17.43 1.34 -0.09
C HIS A 609 16.51 2.48 -0.49
N ARG A 610 15.97 2.42 -1.70
CA ARG A 610 14.99 3.38 -2.19
C ARG A 610 13.61 2.74 -2.17
N ALA A 611 12.63 3.47 -1.64
CA ALA A 611 11.29 2.92 -1.48
C ALA A 611 10.64 2.61 -2.84
N GLY A 612 10.56 3.59 -3.72
CA GLY A 612 9.99 3.41 -5.04
C GLY A 612 11.02 2.91 -6.02
N PHE A 613 10.88 3.36 -7.26
CA PHE A 613 11.95 3.18 -8.24
C PHE A 613 13.06 4.19 -7.95
N SER A 614 14.31 3.71 -8.04
CA SER A 614 15.47 4.59 -7.87
C SER A 614 15.75 5.34 -9.16
N ARG A 615 14.73 6.06 -9.63
CA ARG A 615 14.81 6.84 -10.86
C ARG A 615 15.76 8.02 -10.73
N GLU A 616 16.44 8.14 -9.58
CA GLU A 616 17.42 9.20 -9.37
C GLU A 616 18.52 9.11 -10.42
N ASN A 617 19.10 10.27 -10.74
CA ASN A 617 20.26 10.31 -11.62
C ASN A 617 21.38 9.48 -11.02
N ILE A 618 21.69 8.35 -11.65
CA ILE A 618 22.72 7.47 -11.12
C ILE A 618 24.11 8.07 -11.29
N ASP A 619 24.30 8.89 -12.33
CA ASP A 619 25.60 9.48 -12.59
C ASP A 619 26.00 10.46 -11.49
N TRP A 620 25.03 11.16 -10.90
CA TRP A 620 25.34 12.04 -9.77
C TRP A 620 25.83 11.24 -8.58
N TYR A 621 25.16 10.13 -8.26
CA TYR A 621 25.64 9.23 -7.22
C TYR A 621 27.08 8.80 -7.49
N LYS A 622 27.33 8.29 -8.70
CA LYS A 622 28.66 7.81 -9.05
C LYS A 622 29.70 8.90 -8.89
N GLU A 623 29.41 10.10 -9.42
CA GLU A 623 30.35 11.21 -9.34
C GLU A 623 30.64 11.62 -7.91
N TYR A 624 29.58 11.87 -7.13
CA TYR A 624 29.68 12.18 -5.71
C TYR A 624 30.60 11.19 -5.00
N PHE A 625 30.26 9.91 -5.06
CA PHE A 625 30.97 8.93 -4.27
C PHE A 625 32.38 8.68 -4.78
N ASP A 626 32.58 8.67 -6.10
CA ASP A 626 33.92 8.55 -6.65
C ASP A 626 34.82 9.68 -6.18
N LYS A 627 34.29 10.91 -6.13
CA LYS A 627 35.08 12.03 -5.64
C LYS A 627 35.32 11.94 -4.14
N LYS A 628 34.43 11.27 -3.41
CA LYS A 628 34.69 10.95 -2.00
C LYS A 628 35.33 9.58 -1.81
N GLY A 629 35.55 8.83 -2.89
CA GLY A 629 36.17 7.52 -2.78
C GLY A 629 35.38 6.53 -1.94
N ILE A 630 34.08 6.45 -2.20
CA ILE A 630 33.17 5.62 -1.42
C ILE A 630 32.50 4.63 -2.37
N LYS A 631 32.68 3.34 -2.12
CA LYS A 631 31.95 2.32 -2.86
C LYS A 631 30.53 2.23 -2.32
N PHE A 632 29.58 1.97 -3.22
CA PHE A 632 28.19 2.05 -2.82
C PHE A 632 27.34 1.13 -3.70
N ASN A 633 26.19 0.75 -3.16
CA ASN A 633 25.22 -0.10 -3.85
C ASN A 633 23.84 0.51 -3.72
N ILE A 634 23.09 0.47 -4.82
CA ILE A 634 21.74 1.02 -4.89
C ILE A 634 20.76 -0.13 -5.02
N ILE A 635 19.81 -0.23 -4.10
CA ILE A 635 18.81 -1.29 -4.08
C ILE A 635 17.44 -0.66 -3.86
N GLU A 636 16.47 -1.08 -4.65
CA GLU A 636 15.09 -0.60 -4.50
C GLU A 636 14.25 -1.70 -3.85
N VAL A 637 13.45 -1.28 -2.86
CA VAL A 637 12.63 -2.15 -2.02
C VAL A 637 11.18 -1.78 -2.28
N LYS A 638 10.51 -2.51 -3.17
CA LYS A 638 9.19 -2.16 -3.67
C LYS A 638 8.11 -2.95 -2.95
N LYS A 639 7.15 -2.23 -2.36
CA LYS A 639 6.26 -2.78 -1.36
C LYS A 639 4.77 -2.76 -1.69
N ASN A 640 4.37 -2.30 -2.88
CA ASN A 640 2.95 -2.25 -3.24
C ASN A 640 2.69 -3.01 -4.54
N ILE A 641 3.28 -4.20 -4.66
CA ILE A 641 3.16 -5.01 -5.86
C ILE A 641 1.90 -5.88 -5.74
N PRO A 642 1.25 -6.22 -6.86
CA PRO A 642 0.11 -7.14 -6.82
C PRO A 642 0.50 -8.61 -6.80
N VAL A 643 1.79 -8.91 -6.92
CA VAL A 643 2.24 -10.30 -6.98
C VAL A 643 2.17 -10.93 -5.60
N LYS A 644 1.59 -12.13 -5.54
CA LYS A 644 1.60 -12.97 -4.36
C LYS A 644 2.39 -14.24 -4.65
N ILE A 645 2.77 -14.94 -3.60
CA ILE A 645 3.70 -16.05 -3.71
C ILE A 645 3.22 -17.18 -2.80
N ALA A 646 3.33 -18.42 -3.28
CA ALA A 646 2.74 -19.57 -2.62
C ALA A 646 3.79 -20.67 -2.46
N LYS A 647 3.75 -21.37 -1.33
CA LYS A 647 4.66 -22.48 -1.09
C LYS A 647 3.97 -23.78 -1.46
N VAL A 648 4.65 -24.59 -2.28
CA VAL A 648 4.11 -25.87 -2.74
C VAL A 648 4.92 -26.99 -2.10
N VAL A 649 4.22 -27.88 -1.39
CA VAL A 649 4.80 -29.12 -0.87
C VAL A 649 3.97 -30.27 -1.41
N GLY A 650 4.53 -31.05 -2.33
CA GLY A 650 3.78 -32.10 -2.97
C GLY A 650 2.61 -31.54 -3.76
N SER A 651 1.41 -31.88 -3.33
CA SER A 651 0.18 -31.42 -3.94
C SER A 651 -0.50 -30.34 -3.10
N ASN A 652 0.14 -29.86 -2.06
CA ASN A 652 -0.45 -28.90 -1.15
C ASN A 652 0.16 -27.52 -1.36
N ILE A 653 -0.68 -26.50 -1.19
CA ILE A 653 -0.28 -25.11 -1.36
C ILE A 653 -0.63 -24.34 -0.09
N CYS A 654 0.36 -23.65 0.47
CA CYS A 654 0.19 -22.94 1.73
C CYS A 654 0.92 -21.60 1.66
N ASN A 655 0.73 -20.79 2.71
CA ASN A 655 1.47 -19.56 2.82
C ASN A 655 2.95 -19.86 3.00
N PRO A 656 3.84 -19.12 2.34
CA PRO A 656 5.27 -19.31 2.58
C PRO A 656 5.66 -18.79 3.95
N ILE A 657 6.56 -19.53 4.61
CA ILE A 657 7.00 -19.12 5.94
C ILE A 657 7.78 -17.81 5.85
N LYS A 658 7.96 -17.18 7.01
CA LYS A 658 8.74 -15.95 7.07
C LYS A 658 10.17 -16.22 6.60
N GLY A 659 10.66 -15.38 5.70
CA GLY A 659 11.98 -15.58 5.14
C GLY A 659 12.02 -16.41 3.88
N SER A 660 10.87 -16.69 3.26
CA SER A 660 10.87 -17.35 1.96
C SER A 660 11.32 -16.35 0.88
N TYR A 661 12.21 -16.80 0.01
CA TYR A 661 12.75 -15.92 -1.02
C TYR A 661 12.83 -16.67 -2.34
N VAL A 662 12.67 -15.90 -3.43
CA VAL A 662 12.91 -16.39 -4.79
C VAL A 662 13.82 -15.38 -5.48
N LEU A 663 14.86 -15.88 -6.15
CA LEU A 663 15.89 -15.01 -6.69
C LEU A 663 16.19 -15.33 -8.14
N LYS A 664 16.32 -14.28 -8.94
CA LYS A 664 16.89 -14.28 -10.27
C LYS A 664 17.99 -13.24 -10.25
N ASN A 665 18.90 -13.26 -11.23
CA ASN A 665 20.04 -12.35 -11.14
C ASN A 665 19.59 -10.90 -11.03
N ASP A 666 19.78 -10.31 -9.85
CA ASP A 666 19.50 -8.94 -9.48
C ASP A 666 18.02 -8.63 -9.27
N LYS A 667 17.14 -9.64 -9.33
CA LYS A 667 15.69 -9.42 -9.21
C LYS A 667 15.11 -10.50 -8.31
N ALA A 668 14.45 -10.10 -7.22
CA ALA A 668 14.01 -11.12 -6.28
C ALA A 668 12.69 -10.73 -5.61
N PHE A 669 12.06 -11.74 -5.01
CA PHE A 669 10.90 -11.57 -4.14
C PHE A 669 11.21 -12.15 -2.77
N ILE A 670 10.71 -11.49 -1.73
CA ILE A 670 10.93 -11.90 -0.35
C ILE A 670 9.67 -11.67 0.46
N VAL A 671 9.35 -12.63 1.33
CA VAL A 671 8.27 -12.53 2.31
C VAL A 671 8.90 -12.20 3.66
N THR A 672 8.57 -11.04 4.22
CA THR A 672 9.16 -10.59 5.47
C THR A 672 8.20 -10.72 6.65
N THR A 673 7.04 -11.34 6.45
CA THR A 673 6.07 -11.50 7.51
C THR A 673 5.81 -12.98 7.76
N ASP A 674 5.25 -13.26 8.93
CA ASP A 674 4.81 -14.60 9.31
C ASP A 674 3.29 -14.58 9.38
N ILE A 675 2.65 -15.31 8.46
CA ILE A 675 1.20 -15.35 8.37
C ILE A 675 0.76 -16.80 8.52
N LYS A 676 -0.17 -17.02 9.46
CA LYS A 676 -0.71 -18.36 9.67
C LYS A 676 -1.47 -18.82 8.43
N ASP A 677 -1.36 -20.12 8.12
CA ASP A 677 -1.99 -20.67 6.93
C ASP A 677 -3.50 -20.63 6.99
N GLY A 678 -4.05 -20.14 8.11
CA GLY A 678 -5.47 -20.20 8.35
C GLY A 678 -6.32 -19.24 7.53
N VAL A 679 -6.09 -17.94 7.66
CA VAL A 679 -7.04 -16.97 7.14
C VAL A 679 -6.43 -15.98 6.14
N ALA A 680 -5.12 -15.73 6.18
CA ALA A 680 -4.54 -14.70 5.33
C ALA A 680 -3.37 -15.28 4.53
N SER A 681 -2.78 -14.45 3.67
CA SER A 681 -1.64 -14.83 2.86
C SER A 681 -0.70 -13.63 2.82
N PRO A 682 0.59 -13.82 3.03
CA PRO A 682 1.49 -12.68 3.18
C PRO A 682 1.74 -11.96 1.86
N ASN A 683 1.89 -10.64 1.93
CA ASN A 683 2.18 -9.84 0.76
C ASN A 683 3.68 -9.57 0.70
N PRO A 684 4.42 -10.18 -0.23
CA PRO A 684 5.88 -10.00 -0.28
C PRO A 684 6.27 -8.65 -0.85
N LEU A 685 7.56 -8.43 -1.08
CA LEU A 685 7.99 -7.17 -1.67
C LEU A 685 9.10 -7.43 -2.69
N LYS A 686 9.00 -6.76 -3.84
CA LYS A 686 10.03 -6.86 -4.85
C LYS A 686 11.32 -6.24 -4.34
N ILE A 687 12.45 -6.83 -4.73
CA ILE A 687 13.76 -6.30 -4.39
C ILE A 687 14.62 -6.32 -5.64
N GLU A 688 15.18 -5.16 -5.99
CA GLU A 688 15.98 -5.08 -7.20
C GLU A 688 17.24 -4.28 -6.94
N LYS A 689 18.28 -4.58 -7.71
CA LYS A 689 19.58 -3.91 -7.58
C LYS A 689 19.91 -3.29 -8.93
N THR A 690 19.71 -1.98 -9.06
CA THR A 690 20.04 -1.30 -10.30
C THR A 690 21.54 -1.25 -10.52
N TYR A 691 22.29 -0.80 -9.52
CA TYR A 691 23.74 -0.73 -9.57
C TYR A 691 24.30 -1.10 -8.20
N GLY A 692 25.27 -1.99 -8.17
CA GLY A 692 25.82 -2.44 -6.91
C GLY A 692 26.96 -3.41 -7.10
N ASP A 693 27.71 -3.61 -6.02
CA ASP A 693 28.82 -4.54 -5.95
C ASP A 693 28.51 -5.77 -5.11
N VAL A 694 27.85 -5.57 -3.97
CA VAL A 694 27.50 -6.69 -3.09
C VAL A 694 26.58 -7.64 -3.83
N GLU A 695 26.80 -8.94 -3.63
CA GLU A 695 26.01 -9.97 -4.28
C GLU A 695 24.57 -9.96 -3.77
N MET A 696 23.69 -10.58 -4.55
CA MET A 696 22.25 -10.52 -4.29
C MET A 696 21.89 -11.19 -2.98
N LYS A 697 22.37 -12.42 -2.76
CA LYS A 697 22.01 -13.16 -1.55
C LYS A 697 22.32 -12.37 -0.29
N SER A 698 23.49 -11.75 -0.23
CA SER A 698 23.86 -10.95 0.93
C SER A 698 22.90 -9.78 1.12
N ILE A 699 22.55 -9.11 0.02
CA ILE A 699 21.59 -8.00 0.09
C ILE A 699 20.27 -8.47 0.68
N LEU A 700 19.78 -9.62 0.21
CA LEU A 700 18.50 -10.14 0.68
C LEU A 700 18.56 -10.51 2.17
N GLU A 701 19.64 -11.17 2.58
CA GLU A 701 19.78 -11.52 3.99
C GLU A 701 19.81 -10.26 4.85
N GLN A 702 20.53 -9.23 4.39
CA GLN A 702 20.56 -7.96 5.10
C GLN A 702 19.17 -7.35 5.22
N ILE A 703 18.40 -7.40 4.13
CA ILE A 703 17.07 -6.77 4.15
C ILE A 703 16.16 -7.50 5.12
N TYR A 704 16.17 -8.84 5.09
CA TYR A 704 15.36 -9.62 6.03
C TYR A 704 15.77 -9.33 7.46
N SER A 705 17.08 -9.30 7.73
CA SER A 705 17.56 -8.97 9.06
C SER A 705 17.04 -7.61 9.51
N LEU A 706 17.30 -6.58 8.70
CA LEU A 706 16.84 -5.22 9.05
C LEU A 706 15.34 -5.18 9.28
N SER A 707 14.57 -5.98 8.53
CA SER A 707 13.14 -6.07 8.80
C SER A 707 12.89 -6.63 10.20
N GLN A 708 13.67 -7.64 10.61
CA GLN A 708 13.46 -8.27 11.90
C GLN A 708 14.03 -7.49 13.08
N ILE A 709 14.86 -6.48 12.84
CA ILE A 709 15.50 -5.74 13.94
C ILE A 709 14.57 -4.64 14.45
N HIS A 710 13.32 -4.61 13.97
CA HIS A 710 12.40 -3.52 14.31
C HIS A 710 12.35 -3.28 15.82
N VAL A 711 12.76 -2.07 16.22
CA VAL A 711 12.91 -1.74 17.63
C VAL A 711 11.58 -1.35 18.27
N GLY A 712 10.67 -0.76 17.48
CA GLY A 712 9.43 -0.25 18.05
C GLY A 712 8.58 -1.31 18.74
N SER A 713 8.66 -2.56 18.28
CA SER A 713 7.82 -3.61 18.85
C SER A 713 8.52 -4.95 18.70
N THR A 714 8.01 -5.93 19.44
CA THR A 714 8.47 -7.30 19.27
C THR A 714 8.20 -7.79 17.85
N LYS A 715 6.98 -7.55 17.35
CA LYS A 715 6.62 -7.93 16.00
C LYS A 715 7.57 -7.32 14.99
N SER A 716 8.10 -8.15 14.10
CA SER A 716 8.99 -7.65 13.07
C SER A 716 8.22 -6.78 12.07
N LEU A 717 8.83 -5.68 11.68
CA LEU A 717 8.27 -4.83 10.64
C LEU A 717 8.34 -5.55 9.30
N ARG A 718 7.26 -5.47 8.53
CA ARG A 718 7.28 -6.05 7.17
C ARG A 718 8.35 -5.36 6.33
N LEU A 719 8.36 -4.03 6.35
CA LEU A 719 9.40 -3.28 5.68
C LEU A 719 10.73 -3.45 6.41
N PRO A 720 11.84 -3.26 5.70
CA PRO A 720 13.13 -3.13 6.39
C PRO A 720 13.12 -1.87 7.24
N ILE A 721 13.96 -1.87 8.27
CA ILE A 721 14.09 -0.68 9.11
C ILE A 721 14.46 0.53 8.25
N THR A 722 15.36 0.33 7.30
CA THR A 722 15.85 1.42 6.44
C THR A 722 14.72 2.19 5.79
N THR A 723 13.86 1.49 5.03
CA THR A 723 12.75 2.12 4.36
C THR A 723 11.52 2.27 5.25
N GLY A 724 11.34 1.37 6.22
CA GLY A 724 10.18 1.45 7.09
C GLY A 724 10.19 2.71 7.94
N TYR A 725 11.35 3.08 8.47
CA TYR A 725 11.42 4.29 9.29
C TYR A 725 11.25 5.53 8.44
N ALA A 726 11.75 5.51 7.21
CA ALA A 726 11.45 6.58 6.27
C ALA A 726 9.95 6.69 6.03
N ASP A 727 9.25 5.55 5.95
CA ASP A 727 7.79 5.60 5.77
C ASP A 727 7.10 6.19 7.00
N LYS A 728 7.53 5.81 8.20
CA LYS A 728 6.98 6.43 9.40
C LYS A 728 7.18 7.95 9.36
N ILE A 729 8.40 8.38 9.04
CA ILE A 729 8.71 9.80 8.95
C ILE A 729 7.78 10.48 7.96
N CYS A 730 7.58 9.87 6.79
CA CYS A 730 6.72 10.48 5.78
C CYS A 730 5.27 10.53 6.24
N LYS A 731 4.82 9.50 6.95
CA LYS A 731 3.46 9.52 7.49
C LYS A 731 3.26 10.70 8.42
N ALA A 732 4.21 10.93 9.32
CA ALA A 732 4.11 12.10 10.20
C ALA A 732 5.33 12.97 9.96
N ILE A 733 5.24 13.82 8.94
CA ILE A 733 6.37 14.69 8.60
C ILE A 733 6.42 15.89 9.54
N GLU A 734 5.26 16.43 9.90
CA GLU A 734 5.24 17.68 10.66
C GLU A 734 5.63 17.48 12.12
N TYR A 735 5.33 16.31 12.68
CA TYR A 735 5.61 16.05 14.08
C TYR A 735 7.04 15.61 14.33
N ILE A 736 7.87 15.61 13.29
CA ILE A 736 9.24 15.14 13.41
C ILE A 736 10.21 16.30 13.34
N PRO A 737 11.25 16.33 14.19
CA PRO A 737 12.23 17.42 14.12
C PRO A 737 13.02 17.31 12.83
N GLN A 738 12.92 18.36 12.01
CA GLN A 738 13.52 18.40 10.69
C GLN A 738 14.98 18.82 10.72
N GLY A 739 15.39 19.57 11.74
CA GLY A 739 16.71 20.19 11.79
C GLY A 739 17.87 19.31 11.37
N VAL A 740 18.15 18.26 12.15
CA VAL A 740 19.34 17.45 11.95
C VAL A 740 19.06 16.03 12.38
N VAL A 741 20.01 15.14 12.07
CA VAL A 741 19.99 13.77 12.57
C VAL A 741 19.97 13.81 14.10
N ASP A 742 19.07 13.02 14.69
CA ASP A 742 18.94 12.94 16.14
C ASP A 742 19.05 11.48 16.57
N ASN A 743 19.85 11.23 17.62
CA ASN A 743 20.05 9.85 18.08
C ASN A 743 18.74 9.22 18.54
N ARG A 744 17.90 9.99 19.23
CA ARG A 744 16.60 9.49 19.64
C ARG A 744 15.65 9.41 18.44
N LEU A 745 14.62 8.59 18.57
CA LEU A 745 13.67 8.33 17.50
C LEU A 745 12.29 8.82 17.90
N PHE A 746 11.76 9.79 17.16
CA PHE A 746 10.50 10.44 17.52
C PHE A 746 9.27 9.74 16.96
N PHE A 747 9.42 8.95 15.90
CA PHE A 747 8.29 8.49 15.10
C PHE A 747 7.69 7.18 15.61
N LEU A 748 8.44 6.38 16.35
CA LEU A 748 7.97 5.07 16.81
C LEU A 748 6.68 5.18 17.61
MG MG D . 5.00 5.88 18.84
C FMT E . -13.26 -13.18 -33.16
O1 FMT E . -14.35 -13.67 -32.90
O2 FMT E . -13.10 -12.24 -33.95
C FMT F . 39.53 11.63 -5.49
O1 FMT F . 38.89 12.36 -4.73
O2 FMT F . 39.46 11.68 -6.71
C FMT G . -7.17 3.29 -9.64
O1 FMT G . -8.30 3.78 -9.64
O2 FMT G . -6.19 3.84 -9.15
C FMT H . -7.39 1.56 -6.55
O1 FMT H . -6.30 1.03 -6.73
O2 FMT H . -8.48 0.98 -6.69
C FMT I . -2.91 0.27 14.15
O1 FMT I . -1.75 0.69 14.21
O2 FMT I . -3.62 0.06 15.13
#